data_5QJO
#
_entry.id   5QJO
#
_cell.length_a   49.061
_cell.length_b   59.567
_cell.length_c   79.930
_cell.angle_alpha   79.550
_cell.angle_beta   81.900
_cell.angle_gamma   75.890
#
_symmetry.space_group_name_H-M   'P 1'
#
loop_
_entity.id
_entity.type
_entity.pdbx_description
1 polymer 'ADP-sugar pyrophosphatase'
2 non-polymer 'MAGNESIUM ION'
3 non-polymer 'CHLORIDE ION'
4 non-polymer 2-methyl-N-(2-methyl-2H-tetrazol-5-yl)propanamide
5 non-polymer 1,2-ETHANEDIOL
6 water water
#
_entity_poly.entity_id   1
_entity_poly.type   'polypeptide(L)'
_entity_poly.pdbx_seq_one_letter_code
;SMESQEPTESSQNGKQYIISEELISEGKWVKLEKTTYMDPTGKTRTWESVKRTTRKEQTADGVAVIPVLQRTLHYECIVL
VKQFRPPMGGYCIEFPAGLIDDGETPEAAALRELEEETGYKGDIAECSPAVCMDPGLSNCTIHIVTVTINGDDAENARPK
PKPGDGEFVEVISLPKNDLLQRLDALVAEEHLTVDARVYSYALALKHAN
;
_entity_poly.pdbx_strand_id   A,B,C,D
#
loop_
_chem_comp.id
_chem_comp.type
_chem_comp.name
_chem_comp.formula
CL non-polymer 'CHLORIDE ION' 'Cl -1'
EDO non-polymer 1,2-ETHANEDIOL 'C2 H6 O2'
K41 non-polymer 2-methyl-N-(2-methyl-2H-tetrazol-5-yl)propanamide 'C6 H11 N5 O'
MG non-polymer 'MAGNESIUM ION' 'Mg 2'
#
# COMPACT_ATOMS: atom_id res chain seq x y z
N LYS A 15 -27.58 -2.57 -38.08
CA LYS A 15 -27.08 -1.99 -39.36
C LYS A 15 -25.84 -2.76 -39.93
N GLN A 16 -24.75 -2.95 -39.15
CA GLN A 16 -23.52 -3.59 -39.69
C GLN A 16 -23.39 -5.08 -39.48
N TYR A 17 -22.70 -5.72 -40.42
CA TYR A 17 -22.61 -7.20 -40.36
C TYR A 17 -21.54 -7.71 -41.26
N ILE A 18 -21.14 -8.93 -40.98
CA ILE A 18 -20.14 -9.67 -41.73
C ILE A 18 -20.79 -10.19 -43.02
N ILE A 19 -20.07 -9.94 -44.12
CA ILE A 19 -20.37 -10.47 -45.44
C ILE A 19 -19.58 -11.73 -45.74
N SER A 20 -18.28 -11.71 -45.51
CA SER A 20 -17.48 -12.90 -45.73
C SER A 20 -16.20 -12.83 -44.92
N GLU A 21 -15.61 -14.00 -44.65
CA GLU A 21 -14.36 -14.09 -43.90
C GLU A 21 -13.49 -15.01 -44.72
N GLU A 22 -12.36 -14.53 -45.21
CA GLU A 22 -11.49 -15.24 -46.12
C GLU A 22 -10.16 -15.51 -45.41
N LEU A 23 -9.77 -16.79 -45.37
CA LEU A 23 -8.56 -17.17 -44.68
C LEU A 23 -7.35 -16.60 -45.43
N ILE A 24 -6.46 -15.93 -44.72
CA ILE A 24 -5.20 -15.46 -45.30
C ILE A 24 -4.06 -16.41 -44.97
N SER A 25 -3.88 -16.74 -43.72
CA SER A 25 -2.81 -17.63 -43.29
C SER A 25 -3.23 -18.32 -42.02
N GLU A 26 -2.94 -19.60 -41.86
CA GLU A 26 -3.36 -20.37 -40.71
C GLU A 26 -2.15 -21.06 -40.16
N GLY A 27 -1.82 -20.77 -38.90
CA GLY A 27 -0.84 -21.51 -38.15
C GLY A 27 -1.48 -22.61 -37.37
N LYS A 28 -0.68 -23.16 -36.47
CA LYS A 28 -1.13 -24.17 -35.52
C LYS A 28 -2.06 -23.57 -34.45
N TRP A 29 -1.81 -22.30 -34.07
CA TRP A 29 -2.50 -21.62 -32.95
C TRP A 29 -3.31 -20.38 -33.32
N VAL A 30 -2.88 -19.65 -34.34
CA VAL A 30 -3.48 -18.40 -34.77
C VAL A 30 -3.65 -18.39 -36.29
N LYS A 31 -4.69 -17.72 -36.76
CA LYS A 31 -4.87 -17.44 -38.17
C LYS A 31 -5.27 -16.01 -38.38
N LEU A 32 -4.97 -15.52 -39.58
CA LEU A 32 -5.27 -14.20 -40.01
C LEU A 32 -6.30 -14.33 -41.12
N GLU A 33 -7.32 -13.46 -41.10
CA GLU A 33 -8.44 -13.51 -42.02
C GLU A 33 -8.68 -12.14 -42.63
N LYS A 34 -9.07 -12.10 -43.91
CA LYS A 34 -9.59 -10.88 -44.52
C LYS A 34 -11.10 -10.86 -44.31
N THR A 35 -11.60 -9.86 -43.60
CA THR A 35 -13.01 -9.78 -43.21
C THR A 35 -13.63 -8.77 -44.12
N THR A 36 -14.68 -9.14 -44.81
CA THR A 36 -15.52 -8.18 -45.52
C THR A 36 -16.83 -7.99 -44.74
N TYR A 37 -17.21 -6.75 -44.55
CA TYR A 37 -18.40 -6.36 -43.84
C TYR A 37 -19.10 -5.17 -44.46
N MET A 38 -20.35 -4.99 -44.02
CA MET A 38 -21.23 -3.93 -44.48
C MET A 38 -21.16 -2.78 -43.47
N ASP A 39 -20.75 -1.60 -43.93
CA ASP A 39 -20.68 -0.43 -43.04
C ASP A 39 -22.09 0.17 -42.94
N PRO A 40 -22.28 1.14 -42.05
CA PRO A 40 -23.66 1.53 -41.78
C PRO A 40 -24.28 2.48 -42.82
N THR A 41 -23.47 2.96 -43.78
CA THR A 41 -23.95 3.68 -45.01
C THR A 41 -24.32 2.74 -46.19
N GLY A 42 -24.20 1.43 -46.00
CA GLY A 42 -24.45 0.45 -47.07
C GLY A 42 -23.25 0.16 -47.99
N LYS A 43 -22.06 0.65 -47.62
CA LYS A 43 -20.82 0.39 -48.34
C LYS A 43 -20.08 -0.86 -47.79
N THR A 44 -19.68 -1.75 -48.70
CA THR A 44 -18.75 -2.85 -48.47
C THR A 44 -17.39 -2.29 -47.96
N ARG A 45 -16.86 -2.81 -46.85
CA ARG A 45 -15.46 -2.54 -46.41
C ARG A 45 -14.74 -3.79 -45.89
N THR A 46 -13.41 -3.71 -45.74
CA THR A 46 -12.64 -4.86 -45.24
C THR A 46 -11.78 -4.52 -44.01
N TRP A 47 -11.37 -5.59 -43.36
CA TRP A 47 -10.60 -5.51 -42.13
C TRP A 47 -9.66 -6.70 -42.11
N GLU A 48 -8.58 -6.60 -41.38
CA GLU A 48 -7.69 -7.74 -41.15
C GLU A 48 -7.94 -8.26 -39.74
N SER A 49 -8.41 -9.51 -39.63
CA SER A 49 -8.81 -10.11 -38.34
C SER A 49 -7.90 -11.26 -37.94
N VAL A 50 -7.66 -11.36 -36.62
CA VAL A 50 -6.90 -12.42 -36.00
C VAL A 50 -7.88 -13.29 -35.25
N LYS A 51 -7.73 -14.59 -35.43
CA LYS A 51 -8.48 -15.52 -34.59
C LYS A 51 -7.61 -16.67 -34.16
N ARG A 52 -7.94 -17.26 -33.02
CA ARG A 52 -7.29 -18.48 -32.58
C ARG A 52 -7.91 -19.68 -33.28
N THR A 53 -7.08 -20.69 -33.55
CA THR A 53 -7.53 -21.92 -34.19
C THR A 53 -8.07 -22.91 -33.16
N THR A 54 -7.79 -22.67 -31.89
CA THR A 54 -8.20 -23.55 -30.82
C THR A 54 -9.64 -23.49 -30.28
N ARG A 55 -10.42 -22.49 -30.68
CA ARG A 55 -11.74 -22.28 -30.11
C ARG A 55 -12.73 -23.18 -30.82
N LYS A 56 -13.52 -23.93 -30.06
CA LYS A 56 -14.47 -24.88 -30.62
C LYS A 56 -15.88 -24.50 -30.20
N GLU A 57 -16.45 -25.19 -29.20
CA GLU A 57 -17.78 -24.89 -28.69
C GLU A 57 -17.73 -24.03 -27.40
N GLN A 58 -16.53 -23.67 -26.95
CA GLN A 58 -16.39 -22.90 -25.70
C GLN A 58 -17.05 -21.53 -25.86
N THR A 59 -17.50 -20.99 -24.73
CA THR A 59 -18.20 -19.70 -24.73
C THR A 59 -17.19 -18.55 -24.92
N ALA A 60 -15.89 -18.87 -24.79
CA ALA A 60 -14.81 -17.96 -24.96
C ALA A 60 -13.54 -18.79 -25.16
N ASP A 61 -12.49 -18.15 -25.61
CA ASP A 61 -11.19 -18.82 -25.77
C ASP A 61 -10.58 -19.28 -24.41
N GLY A 62 -10.70 -18.38 -23.45
CA GLY A 62 -9.90 -18.43 -22.24
C GLY A 62 -10.65 -17.94 -21.02
N VAL A 63 -9.97 -18.07 -19.91
CA VAL A 63 -10.35 -17.39 -18.69
C VAL A 63 -9.15 -16.61 -18.16
N ALA A 64 -9.47 -15.53 -17.49
CA ALA A 64 -8.55 -14.88 -16.53
C ALA A 64 -9.16 -14.88 -15.10
N VAL A 65 -8.35 -15.08 -14.07
CA VAL A 65 -8.80 -15.19 -12.74
C VAL A 65 -8.39 -13.97 -11.94
N ILE A 66 -9.36 -13.35 -11.27
CA ILE A 66 -9.09 -12.32 -10.29
C ILE A 66 -9.12 -13.04 -8.95
N PRO A 67 -7.95 -13.35 -8.41
CA PRO A 67 -7.91 -14.24 -7.24
C PRO A 67 -7.65 -13.37 -6.01
N VAL A 68 -8.67 -13.22 -5.17
CA VAL A 68 -8.57 -12.39 -3.94
C VAL A 68 -8.17 -13.31 -2.78
N LEU A 69 -6.95 -13.16 -2.33
CA LEU A 69 -6.44 -13.98 -1.26
C LEU A 69 -6.85 -13.35 0.02
N GLN A 70 -7.58 -14.12 0.86
CA GLN A 70 -8.16 -13.60 2.13
C GLN A 70 -7.58 -14.41 3.26
N ARG A 71 -6.97 -13.69 4.22
CA ARG A 71 -6.44 -14.28 5.44
C ARG A 71 -6.77 -13.43 6.63
N THR A 72 -7.03 -14.10 7.75
CA THR A 72 -7.36 -13.36 8.99
C THR A 72 -6.14 -12.50 9.39
N LEU A 73 -6.40 -11.26 9.69
CA LEU A 73 -5.37 -10.27 10.17
C LEU A 73 -4.33 -9.96 9.10
N HIS A 74 -4.76 -10.16 7.85
CA HIS A 74 -4.03 -9.71 6.66
C HIS A 74 -4.93 -8.86 5.83
N TYR A 75 -4.34 -7.88 5.12
CA TYR A 75 -5.04 -7.17 4.09
C TYR A 75 -5.24 -8.14 2.90
N GLU A 76 -6.39 -8.02 2.20
CA GLU A 76 -6.70 -8.89 1.02
C GLU A 76 -5.65 -8.64 -0.02
N CYS A 77 -5.09 -9.69 -0.63
CA CYS A 77 -4.16 -9.52 -1.73
C CYS A 77 -4.78 -9.96 -3.01
N ILE A 78 -4.32 -9.38 -4.15
CA ILE A 78 -4.65 -9.86 -5.45
C ILE A 78 -3.46 -10.71 -5.85
N VAL A 79 -3.72 -11.94 -6.30
CA VAL A 79 -2.65 -12.85 -6.72
C VAL A 79 -2.42 -12.71 -8.26
N LEU A 80 -1.18 -12.45 -8.64
CA LEU A 80 -0.76 -12.19 -10.05
C LEU A 80 0.38 -13.08 -10.39
N VAL A 81 0.59 -13.26 -11.68
CA VAL A 81 1.64 -14.14 -12.16
C VAL A 81 2.53 -13.33 -13.08
N LYS A 82 3.81 -13.71 -13.13
CA LYS A 82 4.83 -13.11 -13.99
C LYS A 82 5.40 -14.22 -14.85
N GLN A 83 5.42 -14.06 -16.18
CA GLN A 83 5.88 -15.10 -17.11
C GLN A 83 6.55 -14.44 -18.24
N PHE A 84 7.40 -15.17 -18.95
CA PHE A 84 7.89 -14.73 -20.24
C PHE A 84 6.81 -14.93 -21.31
N ARG A 85 6.51 -13.86 -22.02
CA ARG A 85 5.55 -13.88 -23.09
C ARG A 85 6.26 -13.69 -24.45
N PRO A 86 6.42 -14.81 -25.20
CA PRO A 86 7.16 -14.62 -26.45
C PRO A 86 6.67 -13.49 -27.37
N PRO A 87 5.35 -13.26 -27.52
CA PRO A 87 4.89 -12.18 -28.41
C PRO A 87 5.35 -10.81 -28.02
N MET A 88 5.52 -10.61 -26.71
CA MET A 88 6.04 -9.38 -26.13
C MET A 88 7.56 -9.25 -26.06
N GLY A 89 8.27 -10.36 -26.21
CA GLY A 89 9.74 -10.36 -26.08
C GLY A 89 10.19 -9.99 -24.67
N GLY A 90 9.47 -10.48 -23.65
CA GLY A 90 9.64 -9.97 -22.30
C GLY A 90 8.72 -10.60 -21.29
N TYR A 91 8.95 -10.22 -20.05
CA TYR A 91 8.14 -10.68 -18.90
C TYR A 91 6.92 -9.78 -18.67
N CYS A 92 5.81 -10.40 -18.33
CA CYS A 92 4.56 -9.63 -18.16
C CYS A 92 3.94 -10.01 -16.89
N ILE A 93 3.23 -9.08 -16.26
CA ILE A 93 2.50 -9.32 -14.98
C ILE A 93 1.02 -9.33 -15.32
N GLU A 94 0.41 -10.49 -15.11
CA GLU A 94 -0.96 -10.74 -15.46
C GLU A 94 -1.76 -11.47 -14.31
N PHE A 95 -3.07 -11.37 -14.39
CA PHE A 95 -3.96 -12.31 -13.72
C PHE A 95 -3.60 -13.71 -14.23
N PRO A 96 -3.63 -14.71 -13.35
CA PRO A 96 -3.62 -16.09 -13.80
C PRO A 96 -4.70 -16.36 -14.89
N ALA A 97 -4.34 -17.14 -15.87
CA ALA A 97 -5.16 -17.24 -17.08
C ALA A 97 -4.77 -18.42 -17.89
N GLY A 98 -5.77 -19.00 -18.59
CA GLY A 98 -5.50 -20.02 -19.58
C GLY A 98 -6.67 -20.23 -20.50
N LEU A 99 -6.38 -20.93 -21.55
CA LEU A 99 -7.41 -21.32 -22.47
C LEU A 99 -8.36 -22.36 -21.80
N ILE A 100 -9.61 -22.38 -22.22
CA ILE A 100 -10.58 -23.32 -21.71
C ILE A 100 -10.45 -24.60 -22.52
N ASP A 101 -10.28 -25.74 -21.88
CA ASP A 101 -10.17 -27.03 -22.61
C ASP A 101 -11.56 -27.38 -23.18
N ASP A 102 -11.63 -28.17 -24.25
CA ASP A 102 -12.95 -28.57 -24.88
C ASP A 102 -13.82 -29.27 -23.81
N GLY A 103 -15.05 -28.81 -23.63
CA GLY A 103 -15.99 -29.38 -22.65
C GLY A 103 -15.86 -28.86 -21.24
N GLU A 104 -14.89 -27.98 -21.00
CA GLU A 104 -14.61 -27.53 -19.68
C GLU A 104 -15.44 -26.28 -19.51
N THR A 105 -15.93 -26.07 -18.31
CA THR A 105 -16.72 -24.89 -17.96
C THR A 105 -15.70 -23.69 -17.70
N PRO A 106 -16.13 -22.44 -17.91
CA PRO A 106 -15.19 -21.32 -17.56
C PRO A 106 -14.79 -21.39 -16.07
N GLU A 107 -15.74 -21.64 -15.19
CA GLU A 107 -15.43 -21.79 -13.75
C GLU A 107 -14.39 -22.88 -13.44
N ALA A 108 -14.49 -24.02 -14.11
CA ALA A 108 -13.62 -25.16 -13.85
C ALA A 108 -12.23 -24.82 -14.39
N ALA A 109 -12.19 -24.13 -15.54
CA ALA A 109 -10.96 -23.71 -16.15
C ALA A 109 -10.24 -22.69 -15.26
N ALA A 110 -10.95 -21.67 -14.77
CA ALA A 110 -10.46 -20.70 -13.77
C ALA A 110 -9.84 -21.33 -12.57
N LEU A 111 -10.61 -22.19 -11.92
CA LEU A 111 -10.11 -22.90 -10.73
C LEU A 111 -8.88 -23.75 -11.06
N ARG A 112 -8.90 -24.42 -12.20
CA ARG A 112 -7.77 -25.31 -12.60
C ARG A 112 -6.58 -24.45 -12.93
N GLU A 113 -6.78 -23.49 -13.82
CA GLU A 113 -5.64 -22.57 -14.13
C GLU A 113 -5.03 -21.84 -12.91
N LEU A 114 -5.86 -21.36 -11.99
CA LEU A 114 -5.35 -20.81 -10.75
C LEU A 114 -4.46 -21.80 -9.97
N GLU A 115 -4.91 -23.05 -9.82
CA GLU A 115 -4.18 -23.99 -9.03
C GLU A 115 -2.90 -24.30 -9.76
N GLU A 116 -2.98 -24.56 -11.07
CA GLU A 116 -1.81 -24.85 -11.87
C GLU A 116 -0.73 -23.76 -11.81
N GLU A 117 -1.16 -22.50 -11.91
CA GLU A 117 -0.23 -21.38 -12.04
C GLU A 117 0.32 -20.85 -10.73
N THR A 118 -0.49 -20.98 -9.67
CA THR A 118 -0.15 -20.39 -8.42
C THR A 118 -0.05 -21.36 -7.26
N GLY A 119 -0.59 -22.57 -7.38
CA GLY A 119 -0.77 -23.44 -6.20
C GLY A 119 -2.05 -23.31 -5.39
N TYR A 120 -2.70 -22.17 -5.49
CA TYR A 120 -3.85 -21.93 -4.69
C TYR A 120 -5.15 -22.62 -5.17
N LYS A 121 -5.92 -23.10 -4.18
CA LYS A 121 -7.23 -23.60 -4.42
C LYS A 121 -8.26 -22.60 -4.02
N GLY A 122 -8.95 -22.03 -5.00
CA GLY A 122 -9.86 -20.95 -4.75
C GLY A 122 -11.29 -21.45 -4.68
N ASP A 123 -12.17 -20.55 -4.34
CA ASP A 123 -13.63 -20.74 -4.36
C ASP A 123 -14.18 -19.74 -5.32
N ILE A 124 -15.08 -20.19 -6.18
CA ILE A 124 -15.72 -19.32 -7.16
C ILE A 124 -16.52 -18.22 -6.46
N ALA A 125 -16.36 -16.96 -6.88
CA ALA A 125 -17.27 -15.87 -6.44
C ALA A 125 -18.19 -15.45 -7.55
N GLU A 126 -17.64 -15.16 -8.72
CA GLU A 126 -18.45 -14.65 -9.85
C GLU A 126 -17.75 -14.95 -11.18
N CYS A 127 -18.56 -14.95 -12.22
CA CYS A 127 -18.09 -15.24 -13.58
C CYS A 127 -18.73 -14.30 -14.56
N SER A 128 -17.90 -13.62 -15.34
CA SER A 128 -18.40 -12.64 -16.27
C SER A 128 -18.97 -13.33 -17.48
N PRO A 129 -19.81 -12.65 -18.22
CA PRO A 129 -19.93 -13.13 -19.65
C PRO A 129 -18.59 -13.01 -20.42
N ALA A 130 -18.59 -13.52 -21.64
CA ALA A 130 -17.47 -13.53 -22.56
C ALA A 130 -17.19 -12.07 -22.86
N VAL A 131 -15.96 -11.63 -22.60
CA VAL A 131 -15.54 -10.23 -22.83
C VAL A 131 -14.39 -10.24 -23.79
N CYS A 132 -14.27 -9.22 -24.65
CA CYS A 132 -13.27 -9.21 -25.73
C CYS A 132 -11.94 -8.66 -25.31
N MET A 133 -10.90 -9.33 -25.76
CA MET A 133 -9.53 -8.99 -25.46
C MET A 133 -8.98 -7.79 -26.27
N ASP A 134 -9.28 -7.70 -27.56
CA ASP A 134 -8.68 -6.64 -28.37
C ASP A 134 -9.47 -6.57 -29.67
N PRO A 135 -10.69 -6.00 -29.59
CA PRO A 135 -11.70 -6.28 -30.59
C PRO A 135 -11.50 -5.56 -31.91
N GLY A 136 -10.67 -4.50 -31.95
CA GLY A 136 -10.20 -3.95 -33.21
C GLY A 136 -9.17 -4.80 -33.96
N LEU A 137 -8.69 -5.85 -33.32
CA LEU A 137 -7.69 -6.75 -33.88
C LEU A 137 -8.18 -8.20 -34.00
N SER A 138 -8.75 -8.75 -32.93
CA SER A 138 -9.04 -10.18 -32.86
C SER A 138 -10.43 -10.44 -32.37
N ASN A 139 -10.86 -11.67 -32.54
CA ASN A 139 -12.11 -12.16 -31.94
C ASN A 139 -11.93 -12.80 -30.55
N CYS A 140 -10.74 -12.75 -29.97
CA CYS A 140 -10.48 -13.46 -28.71
C CYS A 140 -11.32 -12.90 -27.57
N THR A 141 -11.84 -13.82 -26.78
CA THR A 141 -12.70 -13.50 -25.69
C THR A 141 -12.23 -14.39 -24.53
N ILE A 142 -12.54 -13.88 -23.34
CA ILE A 142 -12.40 -14.64 -22.09
C ILE A 142 -13.60 -14.47 -21.23
N HIS A 143 -13.75 -15.35 -20.23
CA HIS A 143 -14.52 -15.05 -18.99
C HIS A 143 -13.53 -14.62 -17.93
N ILE A 144 -13.86 -13.55 -17.26
CA ILE A 144 -13.16 -13.08 -16.13
C ILE A 144 -13.84 -13.65 -14.90
N VAL A 145 -13.11 -14.51 -14.23
CA VAL A 145 -13.65 -15.27 -13.07
C VAL A 145 -13.03 -14.80 -11.80
N THR A 146 -13.85 -14.22 -10.92
CA THR A 146 -13.46 -13.77 -9.58
C THR A 146 -13.56 -14.97 -8.66
N VAL A 147 -12.49 -15.21 -7.95
CA VAL A 147 -12.34 -16.34 -7.06
C VAL A 147 -11.73 -15.83 -5.76
N THR A 148 -12.21 -16.31 -4.61
CA THR A 148 -11.58 -15.99 -3.33
C THR A 148 -10.74 -17.18 -2.95
N ILE A 149 -9.62 -16.91 -2.34
CA ILE A 149 -8.73 -17.91 -1.79
C ILE A 149 -8.73 -17.80 -0.25
N ASN A 150 -9.10 -18.90 0.42
CA ASN A 150 -9.04 -18.95 1.87
C ASN A 150 -7.56 -19.26 2.17
N GLY A 151 -6.80 -18.20 2.48
CA GLY A 151 -5.41 -18.35 2.85
C GLY A 151 -5.20 -18.91 4.27
N ASP A 152 -6.24 -18.97 5.09
CA ASP A 152 -6.15 -19.71 6.36
C ASP A 152 -6.23 -21.25 6.18
N ASP A 153 -6.84 -21.74 5.09
CA ASP A 153 -7.06 -23.18 4.96
C ASP A 153 -5.69 -23.83 4.72
N ALA A 154 -5.47 -25.00 5.32
CA ALA A 154 -4.15 -25.67 5.24
C ALA A 154 -3.75 -26.02 3.77
N GLU A 155 -4.76 -26.32 2.93
CA GLU A 155 -4.57 -26.56 1.48
C GLU A 155 -3.78 -25.42 0.80
N ASN A 156 -3.91 -24.21 1.32
CA ASN A 156 -3.36 -23.03 0.69
C ASN A 156 -2.25 -22.42 1.51
N ALA A 157 -1.53 -23.29 2.25
CA ALA A 157 -0.56 -22.82 3.27
C ALA A 157 0.75 -22.48 2.63
N ARG A 158 1.34 -23.46 1.95
CA ARG A 158 2.65 -23.29 1.29
C ARG A 158 2.46 -23.73 -0.19
N PRO A 159 1.58 -23.03 -0.93
CA PRO A 159 1.13 -23.42 -2.29
C PRO A 159 2.26 -23.61 -3.32
N LYS A 160 2.29 -24.74 -4.02
CA LYS A 160 3.27 -25.02 -5.09
C LYS A 160 2.63 -24.93 -6.51
N PRO A 161 3.06 -23.93 -7.34
CA PRO A 161 2.70 -23.99 -8.77
C PRO A 161 3.02 -25.37 -9.38
N LYS A 162 2.04 -25.95 -10.09
CA LYS A 162 2.20 -27.16 -10.92
C LYS A 162 2.22 -26.71 -12.39
N PRO A 163 3.29 -26.01 -12.81
CA PRO A 163 3.17 -25.52 -14.16
C PRO A 163 3.26 -26.69 -15.19
N GLY A 164 2.58 -26.53 -16.33
CA GLY A 164 2.52 -27.58 -17.37
C GLY A 164 3.78 -27.68 -18.20
N ASP A 165 3.67 -28.42 -19.31
CA ASP A 165 4.78 -28.55 -20.29
C ASP A 165 5.13 -27.15 -20.84
N GLY A 166 6.32 -26.65 -20.52
CA GLY A 166 6.78 -25.39 -21.08
C GLY A 166 6.06 -24.14 -20.56
N GLU A 167 5.45 -24.24 -19.37
CA GLU A 167 4.90 -23.09 -18.64
C GLU A 167 5.88 -22.83 -17.48
N PHE A 168 6.12 -21.55 -17.16
CA PHE A 168 7.10 -21.15 -16.13
C PHE A 168 6.75 -19.84 -15.42
N VAL A 169 6.09 -19.96 -14.28
CA VAL A 169 5.32 -18.89 -13.68
C VAL A 169 5.82 -18.55 -12.29
N GLU A 170 5.93 -17.25 -12.01
CA GLU A 170 6.25 -16.72 -10.67
C GLU A 170 5.00 -16.04 -10.13
N VAL A 171 4.73 -16.22 -8.82
CA VAL A 171 3.52 -15.74 -8.20
C VAL A 171 3.87 -14.46 -7.46
N ILE A 172 3.10 -13.41 -7.67
CA ILE A 172 3.32 -12.15 -7.00
C ILE A 172 1.97 -11.77 -6.40
N SER A 173 1.91 -11.72 -5.07
CA SER A 173 0.69 -11.28 -4.37
C SER A 173 0.82 -9.90 -3.83
N LEU A 174 -0.08 -9.00 -4.22
CA LEU A 174 0.02 -7.59 -3.86
C LEU A 174 -1.23 -7.18 -3.13
N PRO A 175 -1.10 -6.27 -2.12
CA PRO A 175 -2.26 -5.83 -1.42
C PRO A 175 -3.19 -5.04 -2.28
N LYS A 176 -4.46 -5.42 -2.23
CA LYS A 176 -5.52 -4.80 -2.97
C LYS A 176 -5.61 -3.31 -2.70
N ASN A 177 -5.31 -2.95 -1.44
CA ASN A 177 -5.41 -1.59 -0.97
C ASN A 177 -4.26 -0.71 -1.43
N ASP A 178 -3.26 -1.28 -2.09
CA ASP A 178 -2.12 -0.47 -2.62
C ASP A 178 -1.69 -0.98 -4.00
N LEU A 179 -2.63 -1.60 -4.74
CA LEU A 179 -2.23 -2.39 -5.90
C LEU A 179 -1.52 -1.53 -6.96
N LEU A 180 -2.07 -0.38 -7.25
CA LEU A 180 -1.57 0.40 -8.35
C LEU A 180 -0.13 0.88 -8.02
N GLN A 181 0.12 1.32 -6.79
CA GLN A 181 1.45 1.80 -6.43
C GLN A 181 2.42 0.63 -6.41
N ARG A 182 1.92 -0.53 -6.00
CA ARG A 182 2.77 -1.69 -5.92
C ARG A 182 3.18 -2.22 -7.29
N LEU A 183 2.25 -2.14 -8.28
CA LEU A 183 2.57 -2.37 -9.71
C LEU A 183 3.57 -1.35 -10.31
N ASP A 184 3.30 -0.08 -10.09
CA ASP A 184 4.26 1.01 -10.45
C ASP A 184 5.61 0.71 -9.85
N ALA A 185 5.68 0.40 -8.57
CA ALA A 185 7.00 0.12 -8.01
C ALA A 185 7.73 -1.05 -8.71
N LEU A 186 7.00 -2.11 -9.10
CA LEU A 186 7.61 -3.23 -9.81
C LEU A 186 8.15 -2.88 -11.21
N VAL A 187 7.40 -2.08 -11.95
CA VAL A 187 7.73 -1.55 -13.28
C VAL A 187 8.95 -0.64 -13.17
N ALA A 188 9.01 0.15 -12.10
CA ALA A 188 10.19 0.97 -11.83
C ALA A 188 11.52 0.18 -11.65
N GLU A 189 11.47 -0.96 -10.98
CA GLU A 189 12.67 -1.74 -10.68
C GLU A 189 13.23 -2.47 -11.91
N GLU A 190 12.37 -2.93 -12.81
CA GLU A 190 12.81 -3.79 -13.93
C GLU A 190 12.03 -3.59 -15.22
N HIS A 191 12.55 -4.17 -16.31
CA HIS A 191 11.87 -4.19 -17.60
C HIS A 191 10.83 -5.31 -17.62
N LEU A 192 9.58 -4.89 -17.50
CA LEU A 192 8.47 -5.82 -17.47
C LEU A 192 7.23 -4.99 -17.76
N THR A 193 6.23 -5.64 -18.33
CA THR A 193 5.01 -4.96 -18.74
C THR A 193 3.85 -5.43 -17.84
N VAL A 194 2.98 -4.52 -17.40
CA VAL A 194 1.76 -4.89 -16.73
C VAL A 194 0.64 -5.09 -17.78
N ASP A 195 -0.16 -6.13 -17.60
CA ASP A 195 -1.31 -6.36 -18.44
C ASP A 195 -2.34 -5.27 -18.28
N ALA A 196 -2.95 -4.95 -19.39
CA ALA A 196 -4.00 -3.90 -19.38
C ALA A 196 -5.21 -4.15 -18.50
N ARG A 197 -5.59 -5.42 -18.32
CA ARG A 197 -6.70 -5.75 -17.38
C ARG A 197 -6.31 -5.56 -15.90
N VAL A 198 -5.14 -6.03 -15.56
CA VAL A 198 -4.60 -5.78 -14.24
C VAL A 198 -4.49 -4.28 -13.98
N TYR A 199 -4.04 -3.50 -14.98
CA TYR A 199 -3.82 -2.07 -14.73
C TYR A 199 -5.19 -1.37 -14.56
N SER A 200 -6.19 -1.86 -15.30
CA SER A 200 -7.53 -1.24 -15.27
C SER A 200 -8.22 -1.52 -13.96
N TYR A 201 -8.09 -2.75 -13.52
CA TYR A 201 -8.48 -3.14 -12.17
C TYR A 201 -7.77 -2.35 -11.08
N ALA A 202 -6.46 -2.29 -11.09
CA ALA A 202 -5.75 -1.40 -10.13
C ALA A 202 -6.14 0.08 -10.17
N LEU A 203 -6.32 0.65 -11.36
CA LEU A 203 -6.85 2.01 -11.48
C LEU A 203 -8.23 2.21 -10.82
N ALA A 204 -9.17 1.31 -11.13
CA ALA A 204 -10.50 1.42 -10.54
C ALA A 204 -10.43 1.27 -9.00
N LEU A 205 -9.54 0.46 -8.47
CA LEU A 205 -9.37 0.35 -7.02
C LEU A 205 -9.01 1.74 -6.46
N LYS A 206 -8.05 2.41 -7.11
CA LYS A 206 -7.73 3.80 -6.76
C LYS A 206 -8.90 4.74 -6.91
N HIS A 207 -9.61 4.68 -8.05
CA HIS A 207 -10.66 5.63 -8.34
C HIS A 207 -11.91 5.44 -7.48
N ALA A 208 -12.12 4.25 -6.92
CA ALA A 208 -13.23 4.09 -5.99
C ALA A 208 -12.97 4.91 -4.70
N LYS B 15 16.39 -14.66 -17.72
CA LYS B 15 16.52 -16.12 -17.99
C LYS B 15 16.00 -16.53 -19.39
N GLN B 16 14.85 -16.00 -19.83
CA GLN B 16 14.29 -16.35 -21.17
C GLN B 16 14.42 -15.18 -22.15
N TYR B 17 14.41 -15.47 -23.44
CA TYR B 17 14.61 -14.43 -24.44
C TYR B 17 14.29 -14.92 -25.84
N ILE B 18 14.18 -13.98 -26.76
CA ILE B 18 13.95 -14.24 -28.16
C ILE B 18 15.29 -14.50 -28.88
N ILE B 19 15.29 -15.56 -29.67
CA ILE B 19 16.43 -15.92 -30.51
C ILE B 19 16.20 -15.41 -31.92
N SER B 20 15.03 -15.66 -32.50
CA SER B 20 14.67 -15.12 -33.81
C SER B 20 13.16 -15.06 -34.10
N GLU B 21 12.80 -14.22 -35.06
CA GLU B 21 11.41 -14.14 -35.47
C GLU B 21 11.33 -14.36 -36.94
N GLU B 22 10.47 -15.26 -37.34
CA GLU B 22 10.24 -15.55 -38.74
C GLU B 22 8.90 -15.02 -39.20
N LEU B 23 8.90 -14.03 -40.06
CA LEU B 23 7.65 -13.66 -40.74
C LEU B 23 6.84 -14.83 -41.36
N ILE B 24 5.57 -14.99 -41.02
CA ILE B 24 4.71 -15.99 -41.68
C ILE B 24 3.79 -15.33 -42.72
N SER B 25 3.25 -14.16 -42.37
CA SER B 25 2.29 -13.48 -43.25
C SER B 25 2.17 -12.02 -42.78
N GLU B 26 2.18 -11.08 -43.71
CA GLU B 26 2.14 -9.65 -43.42
C GLU B 26 1.04 -9.06 -44.24
N GLY B 27 0.02 -8.52 -43.57
CA GLY B 27 -1.00 -7.72 -44.22
C GLY B 27 -0.62 -6.25 -44.20
N LYS B 28 -1.60 -5.41 -44.50
CA LYS B 28 -1.44 -3.99 -44.33
C LYS B 28 -1.43 -3.51 -42.84
N TRP B 29 -2.20 -4.19 -41.99
CA TRP B 29 -2.44 -3.80 -40.59
C TRP B 29 -1.80 -4.75 -39.55
N VAL B 30 -1.70 -6.03 -39.91
CA VAL B 30 -1.34 -7.11 -38.96
C VAL B 30 -0.40 -8.03 -39.65
N LYS B 31 0.59 -8.52 -38.90
CA LYS B 31 1.40 -9.63 -39.30
C LYS B 31 1.41 -10.78 -38.29
N LEU B 32 1.77 -11.96 -38.76
CA LEU B 32 1.82 -13.17 -37.95
C LEU B 32 3.23 -13.68 -38.07
N GLU B 33 3.87 -13.93 -36.93
CA GLU B 33 5.27 -14.34 -36.90
C GLU B 33 5.44 -15.63 -36.13
N LYS B 34 6.47 -16.40 -36.46
CA LYS B 34 6.83 -17.53 -35.67
C LYS B 34 8.04 -17.14 -34.85
N THR B 35 7.90 -17.20 -33.54
CA THR B 35 8.91 -16.69 -32.60
C THR B 35 9.65 -17.84 -32.02
N THR B 36 10.99 -17.82 -32.14
CA THR B 36 11.80 -18.85 -31.43
C THR B 36 12.43 -18.24 -30.16
N TYR B 37 12.28 -18.97 -29.06
CA TYR B 37 12.73 -18.44 -27.79
C TYR B 37 13.36 -19.51 -26.94
N MET B 38 14.21 -19.06 -26.04
CA MET B 38 14.89 -19.97 -25.15
C MET B 38 14.05 -20.07 -23.88
N ASP B 39 13.63 -21.29 -23.56
CA ASP B 39 12.85 -21.55 -22.36
C ASP B 39 13.83 -21.61 -21.19
N PRO B 40 13.33 -21.53 -19.95
CA PRO B 40 14.25 -21.35 -18.83
C PRO B 40 15.10 -22.59 -18.48
N THR B 41 14.72 -23.77 -18.98
CA THR B 41 15.56 -24.97 -18.91
C THR B 41 16.74 -24.99 -19.92
N GLY B 42 16.85 -24.02 -20.85
CA GLY B 42 17.79 -24.08 -21.98
C GLY B 42 17.30 -24.84 -23.24
N LYS B 43 16.01 -25.17 -23.29
CA LYS B 43 15.35 -25.75 -24.48
C LYS B 43 14.77 -24.63 -25.35
N THR B 44 14.95 -24.80 -26.64
CA THR B 44 14.54 -23.81 -27.61
C THR B 44 13.09 -24.18 -27.99
N ARG B 45 12.20 -23.18 -28.03
CA ARG B 45 10.75 -23.39 -28.21
C ARG B 45 10.23 -22.38 -29.20
N THR B 46 9.05 -22.65 -29.78
CA THR B 46 8.43 -21.75 -30.74
C THR B 46 7.05 -21.25 -30.30
N TRP B 47 6.68 -20.09 -30.81
CA TRP B 47 5.43 -19.42 -30.45
C TRP B 47 4.85 -18.72 -31.66
N GLU B 48 3.52 -18.70 -31.80
CA GLU B 48 2.95 -17.89 -32.87
C GLU B 48 2.52 -16.54 -32.29
N SER B 49 3.08 -15.47 -32.84
CA SER B 49 2.94 -14.11 -32.34
C SER B 49 2.29 -13.19 -33.37
N VAL B 50 1.37 -12.34 -32.92
CA VAL B 50 0.71 -11.36 -33.80
C VAL B 50 1.31 -10.00 -33.46
N LYS B 51 1.62 -9.21 -34.48
CA LYS B 51 2.07 -7.83 -34.30
C LYS B 51 1.29 -6.94 -35.27
N ARG B 52 1.05 -5.71 -34.83
CA ARG B 52 0.60 -4.68 -35.75
C ARG B 52 1.74 -4.18 -36.63
N THR B 53 1.44 -3.80 -37.86
CA THR B 53 2.44 -3.24 -38.80
C THR B 53 2.52 -1.70 -38.71
N THR B 54 1.71 -1.08 -37.85
CA THR B 54 1.68 0.36 -37.69
C THR B 54 2.59 0.98 -36.60
N ARG B 55 3.22 0.21 -35.72
CA ARG B 55 3.92 0.82 -34.57
C ARG B 55 5.20 1.56 -34.98
N LYS B 56 5.43 2.77 -34.45
CA LYS B 56 6.62 3.62 -34.80
C LYS B 56 7.79 3.53 -33.80
N GLN B 58 7.00 5.22 -31.18
CA GLN B 58 5.82 5.31 -30.31
C GLN B 58 6.01 4.47 -29.05
N THR B 59 5.52 5.02 -27.94
CA THR B 59 5.51 4.35 -26.60
C THR B 59 4.70 3.05 -26.60
N ALA B 60 3.77 2.93 -27.54
CA ALA B 60 2.75 1.89 -27.53
C ALA B 60 1.99 2.01 -28.82
N ASP B 61 1.22 0.99 -29.19
CA ASP B 61 0.37 1.05 -30.40
C ASP B 61 -0.74 2.11 -30.29
N GLY B 62 -1.45 2.10 -29.16
CA GLY B 62 -2.69 2.84 -28.99
C GLY B 62 -2.82 3.46 -27.61
N VAL B 63 -3.91 4.22 -27.47
CA VAL B 63 -4.44 4.67 -26.19
C VAL B 63 -5.86 4.15 -25.99
N ALA B 64 -6.18 3.94 -24.72
CA ALA B 64 -7.56 3.77 -24.25
C ALA B 64 -7.82 4.84 -23.22
N VAL B 65 -8.98 5.48 -23.29
CA VAL B 65 -9.31 6.55 -22.38
C VAL B 65 -10.39 6.10 -21.43
N ILE B 66 -10.12 6.29 -20.15
CA ILE B 66 -11.14 6.25 -19.11
C ILE B 66 -11.66 7.66 -18.86
N PRO B 67 -12.84 8.00 -19.45
CA PRO B 67 -13.43 9.30 -19.40
C PRO B 67 -14.48 9.40 -18.31
N VAL B 68 -14.13 10.16 -17.29
CA VAL B 68 -14.94 10.32 -16.14
C VAL B 68 -15.74 11.64 -16.37
N LEU B 69 -17.01 11.49 -16.71
CA LEU B 69 -17.92 12.62 -16.92
C LEU B 69 -18.47 13.11 -15.57
N GLN B 70 -18.03 14.29 -15.17
CA GLN B 70 -18.39 14.92 -13.93
C GLN B 70 -19.38 16.07 -14.16
N ARG B 71 -20.63 15.89 -13.74
CA ARG B 71 -21.62 16.96 -13.79
C ARG B 71 -22.16 17.13 -12.38
N THR B 72 -22.22 18.37 -11.95
CA THR B 72 -22.78 18.63 -10.63
C THR B 72 -24.25 18.19 -10.50
N LEU B 73 -24.62 17.70 -9.31
CA LEU B 73 -25.96 17.15 -9.05
C LEU B 73 -26.38 15.92 -9.85
N HIS B 74 -25.40 15.20 -10.36
CA HIS B 74 -25.63 13.99 -11.15
C HIS B 74 -24.63 12.99 -10.69
N TYR B 75 -24.91 11.71 -10.96
CA TYR B 75 -23.91 10.70 -10.69
C TYR B 75 -22.74 10.89 -11.64
N GLU B 76 -21.54 10.63 -11.14
CA GLU B 76 -20.35 10.62 -12.01
C GLU B 76 -20.50 9.46 -12.98
N CYS B 77 -20.26 9.70 -14.28
CA CYS B 77 -20.41 8.64 -15.30
C CYS B 77 -19.04 8.29 -15.90
N ILE B 78 -18.96 7.06 -16.39
CA ILE B 78 -17.87 6.64 -17.25
C ILE B 78 -18.46 6.64 -18.66
N VAL B 79 -17.78 7.29 -19.56
CA VAL B 79 -18.19 7.40 -20.98
C VAL B 79 -17.56 6.28 -21.82
N LEU B 80 -18.38 5.52 -22.48
CA LEU B 80 -17.95 4.37 -23.27
C LEU B 80 -18.54 4.53 -24.63
N VAL B 81 -18.02 3.75 -25.55
CA VAL B 81 -18.41 3.74 -26.94
C VAL B 81 -18.84 2.37 -27.38
N LYS B 82 -19.83 2.31 -28.26
CA LYS B 82 -20.31 1.10 -28.88
C LYS B 82 -20.06 1.19 -30.42
N GLN B 83 -19.40 0.19 -30.97
CA GLN B 83 -19.05 0.14 -32.41
C GLN B 83 -19.16 -1.30 -32.87
N PHE B 84 -19.36 -1.47 -34.18
CA PHE B 84 -19.27 -2.75 -34.84
C PHE B 84 -17.79 -3.06 -34.90
N ARG B 85 -17.41 -4.25 -34.48
CA ARG B 85 -16.00 -4.68 -34.58
C ARG B 85 -15.88 -5.85 -35.50
N PRO B 86 -15.34 -5.64 -36.71
CA PRO B 86 -15.30 -6.76 -37.69
C PRO B 86 -14.60 -8.06 -37.22
N PRO B 87 -13.47 -7.97 -36.46
CA PRO B 87 -12.98 -9.23 -35.89
C PRO B 87 -13.95 -9.91 -34.97
N MET B 88 -14.77 -9.18 -34.25
CA MET B 88 -15.73 -9.80 -33.35
C MET B 88 -17.02 -10.25 -34.05
N GLY B 89 -17.30 -9.70 -35.22
CA GLY B 89 -18.47 -10.08 -35.96
C GLY B 89 -19.68 -9.46 -35.30
N GLY B 90 -19.47 -8.47 -34.44
CA GLY B 90 -20.60 -7.91 -33.71
C GLY B 90 -20.26 -6.61 -33.03
N TYR B 91 -21.19 -6.11 -32.24
CA TYR B 91 -21.00 -4.84 -31.55
C TYR B 91 -20.37 -5.03 -30.19
N CYS B 92 -19.47 -4.13 -29.83
CA CYS B 92 -18.75 -4.12 -28.60
C CYS B 92 -18.86 -2.80 -27.86
N ILE B 93 -18.78 -2.89 -26.54
CA ILE B 93 -18.74 -1.70 -25.69
C ILE B 93 -17.31 -1.54 -25.16
N GLU B 94 -16.73 -0.36 -25.31
CA GLU B 94 -15.30 -0.16 -25.06
C GLU B 94 -15.01 1.20 -24.50
N PHE B 95 -13.83 1.36 -23.90
CA PHE B 95 -13.35 2.73 -23.57
C PHE B 95 -13.05 3.38 -24.90
N PRO B 96 -13.36 4.65 -25.06
CA PRO B 96 -12.79 5.32 -26.26
C PRO B 96 -11.29 5.10 -26.43
N ALA B 97 -10.85 4.93 -27.68
CA ALA B 97 -9.53 4.41 -27.98
C ALA B 97 -9.15 4.53 -29.47
N GLY B 98 -7.86 4.66 -29.70
CA GLY B 98 -7.36 4.57 -31.05
C GLY B 98 -5.86 4.53 -31.05
N LEU B 99 -5.32 4.27 -32.23
CA LEU B 99 -3.89 4.21 -32.42
C LEU B 99 -3.32 5.63 -32.24
N ILE B 100 -2.12 5.67 -31.69
CA ILE B 100 -1.38 6.88 -31.45
C ILE B 100 -0.71 7.28 -32.79
N ASP B 101 -1.00 8.48 -33.33
CA ASP B 101 -0.38 8.92 -34.62
C ASP B 101 1.13 9.09 -34.47
N ASP B 102 1.88 8.90 -35.56
CA ASP B 102 3.36 9.07 -35.52
C ASP B 102 3.74 10.48 -35.00
N GLY B 103 4.64 10.55 -34.02
CA GLY B 103 4.99 11.82 -33.35
C GLY B 103 3.90 12.47 -32.50
N GLU B 104 2.85 11.73 -32.16
CA GLU B 104 1.84 12.18 -31.17
C GLU B 104 2.27 11.67 -29.79
N THR B 105 1.98 12.44 -28.74
CA THR B 105 2.12 11.93 -27.39
C THR B 105 0.87 11.07 -27.00
N PRO B 106 0.99 10.18 -25.97
CA PRO B 106 -0.20 9.40 -25.54
C PRO B 106 -1.27 10.28 -24.96
N GLU B 107 -0.84 11.29 -24.18
CA GLU B 107 -1.78 12.29 -23.65
C GLU B 107 -2.60 12.99 -24.73
N ALA B 108 -1.98 13.32 -25.85
CA ALA B 108 -2.63 14.11 -26.90
C ALA B 108 -3.49 13.19 -27.71
N ALA B 109 -3.01 11.94 -27.88
CA ALA B 109 -3.79 10.94 -28.59
C ALA B 109 -5.08 10.67 -27.85
N ALA B 110 -5.01 10.71 -26.54
CA ALA B 110 -6.14 10.47 -25.64
C ALA B 110 -7.21 11.53 -25.76
N LEU B 111 -6.78 12.81 -25.68
CA LEU B 111 -7.74 13.90 -25.85
C LEU B 111 -8.32 13.95 -27.24
N ARG B 112 -7.53 13.62 -28.25
CA ARG B 112 -7.97 13.66 -29.61
C ARG B 112 -8.96 12.55 -29.82
N GLU B 113 -8.61 11.30 -29.44
CA GLU B 113 -9.54 10.19 -29.63
C GLU B 113 -10.85 10.39 -28.88
N LEU B 114 -10.76 10.87 -27.66
CA LEU B 114 -11.93 11.13 -26.87
C LEU B 114 -12.83 12.14 -27.58
N GLU B 115 -12.24 13.21 -28.08
CA GLU B 115 -13.04 14.17 -28.86
C GLU B 115 -13.60 13.61 -30.14
N GLU B 116 -12.80 12.94 -30.96
CA GLU B 116 -13.34 12.36 -32.20
C GLU B 116 -14.47 11.35 -31.97
N GLU B 117 -14.30 10.53 -30.95
CA GLU B 117 -15.23 9.42 -30.73
C GLU B 117 -16.44 9.83 -29.88
N THR B 118 -16.27 10.82 -29.00
CA THR B 118 -17.37 11.21 -28.09
C THR B 118 -17.86 12.66 -28.28
N GLY B 119 -17.01 13.54 -28.84
CA GLY B 119 -17.24 14.99 -28.76
C GLY B 119 -16.86 15.64 -27.44
N TYR B 120 -16.60 14.89 -26.35
CA TYR B 120 -16.13 15.55 -25.15
C TYR B 120 -14.69 16.03 -25.22
N LYS B 121 -14.46 17.15 -24.50
CA LYS B 121 -13.16 17.74 -24.35
C LYS B 121 -12.83 17.63 -22.90
N GLY B 122 -11.66 17.07 -22.63
CA GLY B 122 -11.37 16.63 -21.29
C GLY B 122 -10.00 17.08 -20.88
N ASP B 123 -9.67 16.77 -19.65
CA ASP B 123 -8.40 17.10 -19.02
C ASP B 123 -7.74 15.81 -18.56
N ILE B 124 -6.43 15.70 -18.74
CA ILE B 124 -5.66 14.53 -18.33
C ILE B 124 -5.59 14.47 -16.80
N ALA B 125 -5.97 13.33 -16.18
CA ALA B 125 -5.72 13.14 -14.75
C ALA B 125 -4.44 12.32 -14.57
N GLU B 126 -4.33 11.22 -15.31
CA GLU B 126 -3.18 10.39 -15.19
C GLU B 126 -3.02 9.53 -16.46
N CYS B 127 -1.84 8.92 -16.58
CA CYS B 127 -1.46 8.19 -17.77
C CYS B 127 -0.64 7.00 -17.36
N SER B 128 -1.09 5.80 -17.73
CA SER B 128 -0.31 4.59 -17.47
C SER B 128 0.98 4.51 -18.29
N PRO B 129 1.95 3.71 -17.82
CA PRO B 129 2.94 3.13 -18.74
C PRO B 129 2.33 2.23 -19.81
N ALA B 130 3.13 1.79 -20.78
CA ALA B 130 2.60 0.94 -21.85
C ALA B 130 2.16 -0.37 -21.18
N VAL B 131 0.96 -0.83 -21.51
CA VAL B 131 0.41 -2.06 -20.91
C VAL B 131 -0.05 -3.00 -21.99
N CYS B 132 0.11 -4.30 -21.76
CA CYS B 132 -0.10 -5.20 -22.84
C CYS B 132 -1.59 -5.58 -23.00
N MET B 133 -2.02 -5.78 -24.21
CA MET B 133 -3.41 -6.12 -24.49
C MET B 133 -3.75 -7.63 -24.41
N ASP B 134 -2.94 -8.48 -25.02
CA ASP B 134 -3.15 -9.89 -24.93
C ASP B 134 -1.79 -10.56 -25.08
N PRO B 135 -0.99 -10.63 -24.01
CA PRO B 135 0.46 -10.91 -24.29
C PRO B 135 0.82 -12.35 -24.72
N GLY B 136 -0.11 -13.28 -24.53
CA GLY B 136 -0.01 -14.63 -25.02
C GLY B 136 -0.25 -14.77 -26.52
N LEU B 137 -0.76 -13.72 -27.14
CA LEU B 137 -1.02 -13.73 -28.55
C LEU B 137 -0.28 -12.66 -29.31
N SER B 138 -0.14 -11.44 -28.76
CA SER B 138 0.36 -10.28 -29.51
C SER B 138 1.32 -9.45 -28.72
N ASN B 139 1.96 -8.52 -29.38
CA ASN B 139 2.80 -7.51 -28.72
C ASN B 139 2.06 -6.21 -28.57
N CYS B 140 0.74 -6.20 -28.84
CA CYS B 140 0.00 -4.93 -28.74
C CYS B 140 -0.01 -4.34 -27.39
N THR B 141 0.28 -3.04 -27.37
CA THR B 141 0.25 -2.31 -26.12
C THR B 141 -0.57 -1.03 -26.28
N ILE B 142 -0.96 -0.49 -25.14
CA ILE B 142 -1.63 0.79 -25.03
C ILE B 142 -1.18 1.56 -23.79
N HIS B 143 -1.44 2.87 -23.82
CA HIS B 143 -1.48 3.67 -22.59
C HIS B 143 -2.92 3.82 -22.18
N ILE B 144 -3.20 3.55 -20.92
CA ILE B 144 -4.50 3.86 -20.38
C ILE B 144 -4.46 5.27 -19.79
N VAL B 145 -5.35 6.14 -20.26
CA VAL B 145 -5.26 7.56 -19.88
C VAL B 145 -6.56 7.94 -19.22
N THR B 146 -6.50 8.28 -17.94
CA THR B 146 -7.66 8.69 -17.15
C THR B 146 -7.84 10.16 -17.45
N VAL B 147 -9.07 10.48 -17.84
CA VAL B 147 -9.41 11.83 -18.23
C VAL B 147 -10.67 12.18 -17.46
N THR B 148 -10.74 13.37 -16.88
CA THR B 148 -12.00 13.90 -16.34
C THR B 148 -12.61 14.82 -17.35
N ILE B 149 -13.93 14.84 -17.45
CA ILE B 149 -14.67 15.74 -18.33
C ILE B 149 -15.60 16.68 -17.54
N ASN B 150 -15.37 17.98 -17.65
CA ASN B 150 -16.24 18.91 -16.94
C ASN B 150 -17.49 19.08 -17.74
N GLY B 151 -18.49 18.30 -17.39
CA GLY B 151 -19.76 18.24 -18.16
C GLY B 151 -20.64 19.50 -17.95
N ASP B 152 -20.22 20.42 -17.08
CA ASP B 152 -20.93 21.70 -16.85
C ASP B 152 -20.32 22.86 -17.69
N ASP B 153 -19.32 22.56 -18.51
CA ASP B 153 -18.55 23.56 -19.23
C ASP B 153 -19.30 23.67 -20.52
N ALA B 154 -19.25 24.84 -21.17
CA ALA B 154 -20.10 25.07 -22.35
C ALA B 154 -19.72 24.13 -23.51
N GLU B 155 -18.42 23.85 -23.65
CA GLU B 155 -17.93 23.07 -24.78
C GLU B 155 -18.40 21.60 -24.75
N ASN B 156 -18.79 21.13 -23.56
CA ASN B 156 -19.32 19.76 -23.39
C ASN B 156 -20.84 19.79 -23.21
N ALA B 157 -21.49 20.93 -23.55
CA ALA B 157 -22.96 20.98 -23.54
C ALA B 157 -23.57 20.06 -24.58
N ARG B 158 -23.24 20.32 -25.85
CA ARG B 158 -23.70 19.50 -26.98
C ARG B 158 -22.44 18.91 -27.65
N PRO B 159 -21.91 17.78 -27.12
CA PRO B 159 -20.59 17.33 -27.58
C PRO B 159 -20.62 16.93 -29.06
N LYS B 160 -19.61 17.38 -29.83
CA LYS B 160 -19.53 17.14 -31.28
C LYS B 160 -18.64 15.92 -31.70
N PRO B 161 -19.22 14.67 -31.79
CA PRO B 161 -18.37 13.51 -32.19
C PRO B 161 -17.93 13.57 -33.65
N LYS B 162 -16.64 13.87 -33.89
CA LYS B 162 -16.05 13.99 -35.23
C LYS B 162 -15.28 12.70 -35.65
N PRO B 163 -16.00 11.66 -36.05
CA PRO B 163 -15.30 10.41 -36.33
C PRO B 163 -14.52 10.49 -37.66
N GLY B 164 -13.36 9.84 -37.71
CA GLY B 164 -12.66 9.66 -38.99
C GLY B 164 -13.42 8.81 -40.04
N ASP B 165 -12.72 8.55 -41.15
CA ASP B 165 -13.21 7.69 -42.22
C ASP B 165 -13.44 6.27 -41.67
N GLY B 166 -14.67 5.77 -41.83
CA GLY B 166 -14.99 4.38 -41.45
C GLY B 166 -15.29 4.07 -39.98
N GLU B 167 -15.08 5.02 -39.07
CA GLU B 167 -15.57 4.86 -37.69
C GLU B 167 -17.04 5.28 -37.64
N PHE B 168 -17.82 4.52 -36.87
CA PHE B 168 -19.26 4.76 -36.69
C PHE B 168 -19.60 4.40 -35.24
N VAL B 169 -19.58 5.42 -34.39
CA VAL B 169 -19.49 5.24 -32.95
C VAL B 169 -20.76 5.71 -32.24
N GLU B 170 -21.31 4.89 -31.33
CA GLU B 170 -22.39 5.32 -30.43
C GLU B 170 -21.78 5.57 -29.04
N VAL B 171 -22.27 6.59 -28.34
CA VAL B 171 -21.72 6.96 -27.05
C VAL B 171 -22.69 6.46 -25.96
N ILE B 172 -22.12 5.90 -24.90
CA ILE B 172 -22.90 5.35 -23.83
C ILE B 172 -22.22 5.73 -22.52
N SER B 173 -22.89 6.59 -21.74
CA SER B 173 -22.40 7.01 -20.47
C SER B 173 -23.14 6.27 -19.41
N LEU B 174 -22.42 5.68 -18.46
CA LEU B 174 -23.03 4.91 -17.41
C LEU B 174 -22.49 5.36 -16.09
N PRO B 175 -23.33 5.32 -15.03
CA PRO B 175 -22.85 5.78 -13.75
C PRO B 175 -21.72 4.94 -13.22
N LYS B 176 -20.67 5.60 -12.77
CA LYS B 176 -19.50 4.89 -12.28
C LYS B 176 -19.86 4.00 -11.06
N ASN B 177 -20.77 4.46 -10.18
CA ASN B 177 -21.09 3.74 -8.94
C ASN B 177 -21.97 2.46 -9.13
N ASP B 178 -22.58 2.24 -10.32
CA ASP B 178 -23.33 1.00 -10.62
C ASP B 178 -22.83 0.37 -11.94
N LEU B 179 -21.57 0.59 -12.29
CA LEU B 179 -21.13 0.32 -13.66
C LEU B 179 -21.22 -1.14 -13.97
N LEU B 180 -20.76 -2.01 -13.09
CA LEU B 180 -20.79 -3.43 -13.41
C LEU B 180 -22.24 -3.96 -13.67
N GLN B 181 -23.20 -3.58 -12.83
CA GLN B 181 -24.63 -3.98 -13.04
C GLN B 181 -25.19 -3.37 -14.33
N ARG B 182 -24.80 -2.14 -14.66
CA ARG B 182 -25.26 -1.57 -15.91
C ARG B 182 -24.75 -2.26 -17.16
N LEU B 183 -23.51 -2.72 -17.12
CA LEU B 183 -22.93 -3.41 -18.21
C LEU B 183 -23.59 -4.77 -18.41
N ASP B 184 -23.68 -5.52 -17.33
CA ASP B 184 -24.38 -6.83 -17.31
C ASP B 184 -25.80 -6.70 -17.90
N ALA B 185 -26.50 -5.62 -17.53
CA ALA B 185 -27.82 -5.35 -18.07
C ALA B 185 -27.79 -5.23 -19.60
N LEU B 186 -26.82 -4.44 -20.10
CA LEU B 186 -26.68 -4.26 -21.52
C LEU B 186 -26.38 -5.52 -22.25
N VAL B 187 -25.44 -6.30 -21.74
CA VAL B 187 -25.14 -7.61 -22.33
C VAL B 187 -26.37 -8.54 -22.30
N ALA B 188 -27.16 -8.50 -21.23
CA ALA B 188 -28.32 -9.37 -21.11
C ALA B 188 -29.40 -8.95 -22.08
N GLU B 189 -29.56 -7.65 -22.24
CA GLU B 189 -30.69 -7.12 -22.97
C GLU B 189 -30.40 -6.91 -24.47
N GLU B 190 -29.15 -6.57 -24.84
CA GLU B 190 -28.81 -6.12 -26.22
C GLU B 190 -27.78 -6.96 -27.02
N HIS B 191 -27.32 -8.07 -26.47
CA HIS B 191 -26.35 -8.98 -27.12
C HIS B 191 -25.10 -8.26 -27.69
N LEU B 192 -24.45 -7.48 -26.83
CA LEU B 192 -23.20 -6.81 -27.10
C LEU B 192 -22.06 -7.59 -26.38
N THR B 193 -20.82 -7.34 -26.76
CA THR B 193 -19.68 -7.84 -25.98
C THR B 193 -18.99 -6.68 -25.29
N VAL B 194 -18.83 -6.76 -23.96
CA VAL B 194 -18.11 -5.78 -23.19
C VAL B 194 -16.62 -6.09 -23.32
N ASP B 195 -15.83 -5.06 -23.47
CA ASP B 195 -14.38 -5.15 -23.48
C ASP B 195 -13.84 -5.54 -22.11
N ALA B 196 -12.77 -6.31 -22.10
CA ALA B 196 -12.25 -6.89 -20.88
C ALA B 196 -11.65 -5.85 -19.92
N ARG B 197 -11.04 -4.79 -20.48
CA ARG B 197 -10.48 -3.75 -19.66
C ARG B 197 -11.64 -2.96 -19.02
N VAL B 198 -12.67 -2.70 -19.81
CA VAL B 198 -13.86 -2.09 -19.28
C VAL B 198 -14.46 -2.96 -18.14
N TYR B 199 -14.59 -4.27 -18.36
CA TYR B 199 -15.20 -5.14 -17.34
C TYR B 199 -14.32 -5.27 -16.11
N SER B 200 -12.99 -5.21 -16.30
CA SER B 200 -12.04 -5.29 -15.21
C SER B 200 -12.13 -4.08 -14.30
N TYR B 201 -12.26 -2.92 -14.90
CA TYR B 201 -12.41 -1.64 -14.19
C TYR B 201 -13.73 -1.73 -13.39
N ALA B 202 -14.81 -2.13 -14.06
CA ALA B 202 -16.10 -2.26 -13.44
C ALA B 202 -16.13 -3.20 -12.19
N LEU B 203 -15.45 -4.34 -12.31
CA LEU B 203 -15.23 -5.26 -11.22
C LEU B 203 -14.55 -4.60 -10.06
N ALA B 204 -13.36 -4.02 -10.28
CA ALA B 204 -12.65 -3.37 -9.18
C ALA B 204 -13.48 -2.30 -8.51
N LEU B 205 -14.28 -1.55 -9.25
CA LEU B 205 -15.14 -0.56 -8.60
C LEU B 205 -16.03 -1.27 -7.58
N LYS B 206 -16.49 -2.48 -7.88
CA LYS B 206 -17.29 -3.27 -6.92
C LYS B 206 -16.39 -3.83 -5.83
N HIS B 207 -15.24 -4.36 -6.20
CA HIS B 207 -14.35 -5.01 -5.23
C HIS B 207 -13.65 -4.09 -4.20
N ALA B 208 -13.60 -2.79 -4.49
CA ALA B 208 -12.89 -1.84 -3.65
C ALA B 208 -13.50 -1.76 -2.25
N ASN B 209 -12.58 -1.55 -1.29
CA ASN B 209 -12.78 -1.47 0.18
C ASN B 209 -13.04 -2.85 0.81
N GLN C 16 -7.87 -12.57 19.22
CA GLN C 16 -8.41 -11.66 20.28
C GLN C 16 -9.10 -10.47 19.61
N TYR C 17 -10.15 -9.92 20.23
CA TYR C 17 -10.86 -8.79 19.62
C TYR C 17 -11.57 -8.00 20.67
N ILE C 18 -11.98 -6.78 20.32
CA ILE C 18 -12.72 -5.91 21.24
C ILE C 18 -14.17 -6.36 21.30
N ILE C 19 -14.67 -6.58 22.52
CA ILE C 19 -16.10 -6.90 22.77
C ILE C 19 -16.85 -5.57 23.02
N SER C 20 -16.28 -4.70 23.84
CA SER C 20 -16.90 -3.40 24.07
C SER C 20 -15.91 -2.45 24.70
N GLU C 21 -16.13 -1.16 24.42
CA GLU C 21 -15.44 -0.03 25.04
C GLU C 21 -16.51 0.76 25.84
N GLU C 22 -16.41 0.72 27.17
CA GLU C 22 -17.39 1.36 28.07
C GLU C 22 -16.73 2.59 28.71
N LEU C 23 -17.40 3.73 28.54
CA LEU C 23 -16.85 5.02 28.93
C LEU C 23 -16.85 5.23 30.45
N ILE C 24 -15.70 5.59 31.04
CA ILE C 24 -15.50 5.89 32.48
C ILE C 24 -15.44 7.40 32.82
N SER C 25 -14.82 8.21 31.96
CA SER C 25 -14.73 9.70 32.18
C SER C 25 -14.19 10.42 30.92
N GLU C 26 -14.63 11.65 30.66
CA GLU C 26 -14.30 12.36 29.43
C GLU C 26 -14.16 13.85 29.63
N GLY C 27 -12.92 14.34 29.63
CA GLY C 27 -12.64 15.77 29.69
C GLY C 27 -12.67 16.33 28.30
N LYS C 28 -12.26 17.59 28.14
CA LYS C 28 -12.14 18.21 26.79
C LYS C 28 -11.04 17.60 25.89
N TRP C 29 -10.02 16.94 26.48
CA TRP C 29 -8.85 16.49 25.70
C TRP C 29 -8.56 15.03 25.71
N VAL C 30 -8.95 14.34 26.79
CA VAL C 30 -8.61 12.93 26.99
C VAL C 30 -9.83 12.22 27.60
N LYS C 31 -9.98 10.92 27.32
CA LYS C 31 -11.05 10.10 27.90
C LYS C 31 -10.50 8.77 28.40
N LEU C 32 -11.12 8.23 29.44
CA LEU C 32 -10.71 6.96 30.04
C LEU C 32 -11.82 5.96 29.71
N GLU C 33 -11.47 4.69 29.42
CA GLU C 33 -12.46 3.63 29.07
C GLU C 33 -12.20 2.29 29.71
N LYS C 34 -13.27 1.54 30.01
CA LYS C 34 -13.14 0.14 30.43
C LYS C 34 -13.33 -0.59 29.12
N THR C 35 -12.39 -1.47 28.80
CA THR C 35 -12.41 -2.19 27.52
C THR C 35 -12.47 -3.68 27.78
N THR C 36 -13.41 -4.36 27.13
CA THR C 36 -13.65 -5.79 27.36
C THR C 36 -13.26 -6.51 26.06
N TYR C 37 -12.58 -7.64 26.18
CA TYR C 37 -11.86 -8.27 25.07
C TYR C 37 -11.68 -9.77 25.25
N MET C 38 -11.84 -10.56 24.18
CA MET C 38 -11.65 -12.01 24.27
C MET C 38 -10.18 -12.34 24.21
N ASP C 39 -9.65 -13.14 25.12
CA ASP C 39 -8.24 -13.52 25.03
C ASP C 39 -8.14 -14.64 24.04
N PRO C 40 -6.89 -15.12 23.81
CA PRO C 40 -6.66 -16.18 22.81
C PRO C 40 -7.29 -17.55 23.19
N THR C 41 -7.29 -17.88 24.48
CA THR C 41 -7.85 -19.15 24.97
C THR C 41 -9.38 -19.19 25.04
N GLY C 42 -10.08 -18.07 24.75
CA GLY C 42 -11.54 -17.96 24.87
C GLY C 42 -12.07 -17.28 26.15
N LYS C 43 -11.20 -17.00 27.13
CA LYS C 43 -11.57 -16.22 28.33
C LYS C 43 -11.78 -14.72 28.03
N THR C 44 -12.97 -14.24 28.41
CA THR C 44 -13.35 -12.81 28.34
C THR C 44 -12.54 -12.06 29.44
N ARG C 45 -11.88 -10.93 29.10
CA ARG C 45 -11.00 -10.18 30.04
C ARG C 45 -11.19 -8.70 29.90
N THR C 46 -10.50 -7.91 30.72
CA THR C 46 -10.76 -6.50 30.74
C THR C 46 -9.48 -5.63 30.96
N TRP C 47 -9.58 -4.34 30.64
CA TRP C 47 -8.39 -3.43 30.58
C TRP C 47 -8.85 -1.98 30.67
N GLU C 48 -8.03 -1.11 31.27
CA GLU C 48 -8.32 0.32 31.30
C GLU C 48 -7.53 1.05 30.18
N SER C 49 -8.26 1.75 29.33
CA SER C 49 -7.72 2.37 28.09
C SER C 49 -7.94 3.84 28.05
N VAL C 50 -6.94 4.53 27.52
CA VAL C 50 -6.94 5.96 27.38
C VAL C 50 -6.97 6.31 25.90
N LYS C 51 -7.79 7.30 25.55
CA LYS C 51 -7.90 7.82 24.18
C LYS C 51 -8.08 9.33 24.20
N ARG C 52 -7.40 10.03 23.30
CA ARG C 52 -7.58 11.50 23.15
C ARG C 52 -8.91 11.74 22.45
N THR C 53 -9.51 12.90 22.67
CA THR C 53 -10.86 13.19 22.12
C THR C 53 -10.88 13.89 20.76
N THR C 54 -9.71 14.36 20.36
CA THR C 54 -9.50 15.24 19.23
C THR C 54 -9.35 14.50 17.85
N ARG C 55 -9.33 13.16 17.79
CA ARG C 55 -8.95 12.42 16.54
C ARG C 55 -10.11 12.26 15.52
N LYS C 56 -10.09 13.05 14.45
CA LYS C 56 -11.03 12.91 13.30
C LYS C 56 -10.66 11.76 12.36
N GLN C 58 -8.56 11.04 10.17
CA GLN C 58 -7.20 11.44 10.57
C GLN C 58 -6.36 10.18 10.69
N THR C 59 -5.18 10.21 10.06
CA THR C 59 -4.27 9.02 9.97
C THR C 59 -3.77 8.62 11.38
N ALA C 60 -3.67 9.64 12.23
CA ALA C 60 -3.18 9.50 13.56
C ALA C 60 -3.52 10.73 14.37
N ASP C 61 -3.23 10.67 15.66
CA ASP C 61 -3.42 11.85 16.50
C ASP C 61 -2.47 12.97 16.08
N GLY C 62 -1.21 12.62 15.87
CA GLY C 62 -0.20 13.68 15.73
C GLY C 62 0.93 13.28 14.85
N VAL C 63 1.92 14.14 14.77
CA VAL C 63 3.20 13.83 14.10
C VAL C 63 4.36 14.22 15.06
N ALA C 64 5.50 13.53 14.95
CA ALA C 64 6.78 13.92 15.53
C ALA C 64 7.73 14.00 14.38
N VAL C 65 8.56 15.01 14.41
CA VAL C 65 9.38 15.38 13.33
C VAL C 65 10.81 15.04 13.75
N ILE C 66 11.49 14.22 12.94
CA ILE C 66 12.93 14.05 13.14
C ILE C 66 13.65 15.03 12.22
N PRO C 67 14.18 16.15 12.79
CA PRO C 67 14.64 17.22 11.92
C PRO C 67 16.14 17.23 11.85
N VAL C 68 16.62 16.91 10.67
CA VAL C 68 18.02 16.72 10.42
C VAL C 68 18.54 17.99 9.79
N LEU C 69 19.32 18.69 10.58
CA LEU C 69 19.95 19.95 10.16
C LEU C 69 21.26 19.68 9.41
N GLN C 70 21.26 19.95 8.10
CA GLN C 70 22.31 19.64 7.19
C GLN C 70 23.05 20.92 6.74
N ARG C 71 24.36 20.93 6.87
CA ARG C 71 25.22 22.09 6.54
C ARG C 71 26.45 21.58 5.84
N THR C 72 26.94 22.32 4.86
CA THR C 72 28.06 21.92 4.07
C THR C 72 29.27 21.64 4.91
N LEU C 73 29.53 22.47 5.90
CA LEU C 73 30.80 22.41 6.68
C LEU C 73 30.84 21.52 7.90
N HIS C 74 29.69 20.96 8.25
CA HIS C 74 29.47 20.30 9.54
C HIS C 74 28.88 18.91 9.43
N TYR C 75 29.00 18.20 10.54
CA TYR C 75 28.19 16.99 10.73
C TYR C 75 26.76 17.39 10.99
N GLU C 76 25.86 16.46 10.74
CA GLU C 76 24.45 16.73 10.93
C GLU C 76 24.11 16.91 12.40
N CYS C 77 23.08 17.73 12.67
CA CYS C 77 22.48 17.85 13.96
C CYS C 77 21.06 17.36 13.92
N ILE C 78 20.54 16.92 15.08
CA ILE C 78 19.17 16.65 15.23
C ILE C 78 18.63 17.81 16.08
N VAL C 79 17.51 18.36 15.65
CA VAL C 79 16.90 19.55 16.25
C VAL C 79 15.84 19.05 17.19
N LEU C 80 15.97 19.35 18.49
CA LEU C 80 15.02 18.95 19.49
C LEU C 80 14.45 20.22 20.17
N VAL C 81 13.37 20.00 20.89
CA VAL C 81 12.69 21.04 21.66
C VAL C 81 12.59 20.65 23.11
N LYS C 82 12.79 21.63 23.99
CA LYS C 82 12.56 21.49 25.41
C LYS C 82 11.35 22.36 25.80
N GLN C 83 10.45 21.77 26.54
CA GLN C 83 9.29 22.48 27.00
C GLN C 83 8.79 21.90 28.29
N PHE C 84 8.05 22.72 29.05
CA PHE C 84 7.39 22.27 30.22
C PHE C 84 6.19 21.43 29.84
N ARG C 85 6.03 20.28 30.48
CA ARG C 85 4.99 19.33 30.18
C ARG C 85 4.26 19.04 31.45
N PRO C 86 2.99 19.57 31.57
CA PRO C 86 2.27 19.40 32.84
C PRO C 86 2.03 18.00 33.37
N PRO C 87 1.73 17.02 32.50
CA PRO C 87 1.58 15.69 33.02
C PRO C 87 2.88 15.20 33.71
N MET C 88 4.05 15.62 33.22
CA MET C 88 5.33 15.21 33.80
C MET C 88 5.76 16.07 34.99
N GLY C 89 5.22 17.28 35.11
CA GLY C 89 5.59 18.17 36.23
C GLY C 89 6.97 18.76 36.02
N GLY C 90 7.45 18.77 34.78
CA GLY C 90 8.78 19.23 34.50
C GLY C 90 9.06 19.35 33.04
N TYR C 91 10.34 19.56 32.73
CA TYR C 91 10.74 19.82 31.39
C TYR C 91 11.11 18.56 30.72
N CYS C 92 10.84 18.54 29.42
CA CYS C 92 11.16 17.35 28.59
C CYS C 92 11.80 17.74 27.32
N ILE C 93 12.68 16.86 26.83
CA ILE C 93 13.38 17.06 25.62
C ILE C 93 12.71 16.08 24.63
N GLU C 94 12.28 16.58 23.49
CA GLU C 94 11.48 15.77 22.55
C GLU C 94 11.74 16.17 21.15
N PHE C 95 11.28 15.34 20.20
CA PHE C 95 11.20 15.76 18.79
C PHE C 95 10.11 16.84 18.68
N PRO C 96 10.33 17.89 17.88
CA PRO C 96 9.20 18.77 17.61
C PRO C 96 8.00 17.91 17.15
N ALA C 97 6.79 18.34 17.56
CA ALA C 97 5.61 17.49 17.50
C ALA C 97 4.33 18.26 17.75
N GLY C 98 3.23 17.76 17.21
CA GLY C 98 1.91 18.32 17.51
C GLY C 98 0.82 17.52 16.84
N LEU C 99 -0.42 17.77 17.23
CA LEU C 99 -1.58 17.11 16.64
C LEU C 99 -1.79 17.52 15.16
N ILE C 100 -2.29 16.56 14.39
CA ILE C 100 -2.66 16.82 13.00
C ILE C 100 -4.02 17.55 12.99
N ASP C 101 -4.05 18.76 12.41
CA ASP C 101 -5.29 19.54 12.24
C ASP C 101 -6.24 18.78 11.33
N ASP C 102 -7.53 19.11 11.42
CA ASP C 102 -8.56 18.56 10.55
C ASP C 102 -8.25 18.91 9.06
N GLY C 103 -8.34 17.93 8.18
CA GLY C 103 -8.08 18.15 6.76
C GLY C 103 -6.63 18.39 6.39
N GLU C 104 -5.69 18.07 7.28
CA GLU C 104 -4.24 18.34 7.07
C GLU C 104 -3.55 17.02 6.89
N THR C 105 -2.63 16.96 5.94
CA THR C 105 -1.77 15.79 5.81
C THR C 105 -0.65 15.72 6.93
N PRO C 106 -0.19 14.49 7.30
CA PRO C 106 0.89 14.39 8.32
C PRO C 106 2.09 15.15 7.87
N GLU C 107 2.35 15.13 6.55
CA GLU C 107 3.48 15.85 6.02
C GLU C 107 3.38 17.37 6.22
N ALA C 108 2.18 17.91 6.08
CA ALA C 108 1.98 19.33 6.12
C ALA C 108 2.06 19.71 7.61
N ALA C 109 1.39 18.92 8.46
CA ALA C 109 1.53 19.07 9.91
C ALA C 109 2.99 19.08 10.35
N ALA C 110 3.83 18.22 9.74
CA ALA C 110 5.19 18.10 10.14
C ALA C 110 5.96 19.42 9.85
N LEU C 111 5.84 19.95 8.63
CA LEU C 111 6.53 21.19 8.28
C LEU C 111 5.98 22.40 9.05
N ARG C 112 4.67 22.44 9.24
CA ARG C 112 4.05 23.49 10.08
C ARG C 112 4.57 23.47 11.53
N GLU C 113 4.40 22.33 12.20
CA GLU C 113 4.86 22.20 13.58
C GLU C 113 6.35 22.45 13.69
N LEU C 114 7.10 21.99 12.70
CA LEU C 114 8.53 22.17 12.78
C LEU C 114 8.85 23.69 12.75
N GLU C 115 8.24 24.36 11.78
CA GLU C 115 8.50 25.79 11.57
C GLU C 115 8.05 26.63 12.76
N GLU C 116 6.91 26.28 13.32
CA GLU C 116 6.37 26.93 14.48
C GLU C 116 7.21 26.74 15.76
N GLU C 117 7.72 25.52 15.98
CA GLU C 117 8.35 25.18 17.23
C GLU C 117 9.83 25.57 17.19
N THR C 118 10.42 25.54 16.02
CA THR C 118 11.86 25.79 15.91
C THR C 118 12.26 26.97 15.05
N GLY C 119 11.38 27.43 14.17
CA GLY C 119 11.71 28.43 13.15
C GLY C 119 12.28 27.86 11.89
N TYR C 120 12.60 26.56 11.84
CA TYR C 120 13.26 26.01 10.68
C TYR C 120 12.31 25.72 9.55
N LYS C 121 12.70 26.08 8.33
CA LYS C 121 11.99 25.62 7.14
C LYS C 121 12.67 24.36 6.55
N GLY C 122 11.92 23.25 6.55
CA GLY C 122 12.44 21.93 6.13
C GLY C 122 11.78 21.33 4.89
N ASP C 123 12.32 20.20 4.45
CA ASP C 123 11.78 19.42 3.36
C ASP C 123 11.48 18.00 3.90
N ILE C 124 10.34 17.45 3.48
CA ILE C 124 9.98 16.08 3.83
C ILE C 124 11.00 15.13 3.22
N ALA C 125 11.57 14.24 4.05
CA ALA C 125 12.36 13.14 3.53
C ALA C 125 11.52 11.85 3.49
N GLU C 126 10.86 11.52 4.58
CA GLU C 126 10.12 10.25 4.70
C GLU C 126 9.02 10.44 5.75
N CYS C 127 7.97 9.62 5.66
CA CYS C 127 6.88 9.65 6.59
C CYS C 127 6.54 8.20 6.97
N SER C 128 6.57 7.92 8.28
CA SER C 128 6.20 6.60 8.79
C SER C 128 4.73 6.30 8.63
N PRO C 129 4.37 5.01 8.70
CA PRO C 129 2.94 4.77 8.95
C PRO C 129 2.58 5.17 10.42
N ALA C 130 1.29 5.17 10.75
CA ALA C 130 0.83 5.39 12.12
C ALA C 130 1.46 4.40 13.08
N VAL C 131 2.20 4.93 14.04
CA VAL C 131 2.92 4.12 15.07
C VAL C 131 2.36 4.48 16.47
N CYS C 132 2.21 3.45 17.33
CA CYS C 132 1.63 3.64 18.64
C CYS C 132 2.63 4.24 19.68
N MET C 133 2.11 5.12 20.49
CA MET C 133 2.90 5.80 21.56
C MET C 133 3.08 4.99 22.82
N ASP C 134 2.04 4.33 23.24
CA ASP C 134 2.12 3.60 24.51
C ASP C 134 0.96 2.60 24.56
N PRO C 135 1.13 1.48 23.85
CA PRO C 135 -0.07 0.72 23.44
C PRO C 135 -0.71 -0.12 24.56
N GLY C 136 0.03 -0.38 25.64
CA GLY C 136 -0.53 -0.91 26.89
C GLY C 136 -1.47 0.06 27.61
N LEU C 137 -1.50 1.31 27.18
CA LEU C 137 -2.18 2.37 27.91
C LEU C 137 -3.13 3.11 27.06
N SER C 138 -2.73 3.53 25.87
CA SER C 138 -3.59 4.33 25.04
C SER C 138 -3.55 3.83 23.64
N ASN C 139 -4.51 4.32 22.83
CA ASN C 139 -4.52 4.07 21.37
C ASN C 139 -3.78 5.18 20.62
N CYS C 140 -3.13 6.11 21.32
CA CYS C 140 -2.49 7.26 20.65
C CYS C 140 -1.45 6.86 19.63
N THR C 141 -1.52 7.49 18.46
CA THR C 141 -0.61 7.16 17.37
C THR C 141 -0.01 8.45 16.83
N ILE C 142 1.16 8.33 16.23
CA ILE C 142 1.73 9.42 15.41
C ILE C 142 2.24 8.90 14.09
N HIS C 143 2.59 9.83 13.16
CA HIS C 143 3.57 9.58 12.11
C HIS C 143 4.86 10.28 12.54
N ILE C 144 5.95 9.55 12.37
CA ILE C 144 7.25 10.05 12.52
C ILE C 144 7.64 10.45 11.11
N VAL C 145 7.81 11.75 10.95
CA VAL C 145 8.25 12.31 9.75
C VAL C 145 9.67 12.86 9.84
N THR C 146 10.52 12.31 8.99
CA THR C 146 11.84 12.72 8.84
C THR C 146 11.91 13.90 7.92
N VAL C 147 12.57 14.98 8.37
CA VAL C 147 12.59 16.26 7.64
C VAL C 147 14.00 16.74 7.58
N THR C 148 14.51 17.09 6.41
CA THR C 148 15.85 17.65 6.27
C THR C 148 15.72 19.16 6.29
N ILE C 149 16.70 19.84 6.90
CA ILE C 149 16.70 21.28 6.94
C ILE C 149 18.01 21.73 6.34
N ASN C 150 17.95 22.55 5.31
CA ASN C 150 19.16 23.14 4.73
C ASN C 150 19.56 24.30 5.65
N GLY C 151 20.53 24.03 6.50
CA GLY C 151 21.09 25.02 7.40
C GLY C 151 21.95 26.11 6.80
N ASP C 152 22.32 25.98 5.54
CA ASP C 152 23.11 26.93 4.82
C ASP C 152 22.24 27.84 3.95
N ASP C 153 20.98 27.50 3.75
CA ASP C 153 20.10 28.35 2.99
C ASP C 153 19.95 29.61 3.79
N ALA C 154 20.12 30.76 3.13
CA ALA C 154 19.97 32.03 3.80
C ALA C 154 18.59 32.09 4.50
N GLU C 155 17.54 31.46 3.95
CA GLU C 155 16.25 31.43 4.63
C GLU C 155 16.20 30.77 6.04
N ASN C 156 17.19 29.93 6.40
CA ASN C 156 17.28 29.28 7.70
C ASN C 156 18.36 29.89 8.61
N ALA C 157 18.92 31.04 8.19
CA ALA C 157 20.05 31.66 8.88
C ALA C 157 19.75 32.07 10.34
N ARG C 158 18.58 32.61 10.56
CA ARG C 158 18.23 33.07 11.89
C ARG C 158 16.85 32.53 12.24
N PRO C 159 16.70 31.19 12.35
CA PRO C 159 15.37 30.61 12.62
C PRO C 159 14.71 31.25 13.84
N LYS C 160 13.43 31.62 13.74
CA LYS C 160 12.70 32.09 14.96
C LYS C 160 11.42 31.31 15.14
N PRO C 161 11.27 30.59 16.28
CA PRO C 161 10.03 29.90 16.55
C PRO C 161 8.94 30.91 16.63
N LYS C 162 7.80 30.63 16.01
CA LYS C 162 6.58 31.43 16.21
C LYS C 162 5.62 30.45 16.83
N PRO C 163 5.70 30.24 18.15
CA PRO C 163 4.81 29.28 18.77
C PRO C 163 3.41 29.88 18.99
N GLY C 164 2.44 29.02 19.25
CA GLY C 164 1.09 29.44 19.68
C GLY C 164 1.09 30.08 21.06
N ASP C 165 0.05 30.87 21.33
CA ASP C 165 -0.30 31.30 22.69
C ASP C 165 -0.34 30.07 23.60
N GLY C 166 0.35 30.13 24.72
CA GLY C 166 0.47 28.96 25.59
C GLY C 166 1.57 27.95 25.23
N GLU C 167 2.18 28.05 24.04
CA GLU C 167 3.35 27.21 23.68
C GLU C 167 4.65 27.95 23.99
N PHE C 168 5.48 27.32 24.82
CA PHE C 168 6.74 27.89 25.24
C PHE C 168 7.78 26.84 24.93
N VAL C 169 8.69 27.15 24.03
CA VAL C 169 9.58 26.12 23.48
C VAL C 169 10.95 26.67 23.40
N GLU C 170 11.94 25.84 23.76
CA GLU C 170 13.32 26.19 23.58
C GLU C 170 13.91 25.16 22.63
N VAL C 171 14.79 25.58 21.75
CA VAL C 171 15.31 24.75 20.68
C VAL C 171 16.70 24.34 21.05
N ILE C 172 16.97 23.03 20.94
CA ILE C 172 18.32 22.46 21.17
C ILE C 172 18.72 21.62 19.94
N SER C 173 19.84 21.93 19.29
CA SER C 173 20.36 21.17 18.17
C SER C 173 21.58 20.44 18.62
N LEU C 174 21.54 19.11 18.50
CA LEU C 174 22.61 18.27 18.95
C LEU C 174 23.17 17.43 17.83
N PRO C 175 24.49 17.21 17.82
CA PRO C 175 25.10 16.47 16.72
C PRO C 175 24.59 15.02 16.69
N LYS C 176 24.24 14.52 15.50
CA LYS C 176 23.64 13.20 15.34
C LYS C 176 24.69 12.13 15.77
N ASN C 177 25.95 12.41 15.43
CA ASN C 177 27.09 11.53 15.69
C ASN C 177 27.54 11.46 17.14
N ASP C 178 26.89 12.21 18.03
CA ASP C 178 27.17 12.14 19.49
C ASP C 178 25.86 12.31 20.31
N LEU C 179 24.71 11.84 19.76
CA LEU C 179 23.41 12.24 20.29
C LEU C 179 23.19 11.77 21.70
N LEU C 180 23.41 10.48 21.91
CA LEU C 180 23.19 9.88 23.19
C LEU C 180 24.08 10.51 24.27
N GLN C 181 25.39 10.61 24.05
CA GLN C 181 26.29 11.31 25.02
C GLN C 181 25.80 12.74 25.33
N ARG C 182 25.42 13.45 24.31
CA ARG C 182 24.99 14.81 24.49
C ARG C 182 23.67 14.89 25.24
N LEU C 183 22.76 13.92 25.06
CA LEU C 183 21.53 13.87 25.82
C LEU C 183 21.81 13.56 27.32
N ASP C 184 22.68 12.58 27.52
CA ASP C 184 23.19 12.20 28.81
C ASP C 184 23.75 13.43 29.55
N ALA C 185 24.50 14.28 28.85
CA ALA C 185 25.08 15.46 29.47
C ALA C 185 24.10 16.59 29.78
N LEU C 186 22.95 16.66 29.08
CA LEU C 186 21.87 17.57 29.48
C LEU C 186 21.14 17.14 30.70
N VAL C 187 20.77 15.87 30.74
CA VAL C 187 20.19 15.18 31.87
C VAL C 187 21.05 15.33 33.15
N ALA C 188 22.38 15.36 33.00
CA ALA C 188 23.32 15.41 34.13
C ALA C 188 23.37 16.78 34.81
N GLU C 189 23.31 17.86 34.03
CA GLU C 189 23.35 19.22 34.57
C GLU C 189 21.98 19.80 35.05
N GLU C 190 20.85 19.12 34.76
CA GLU C 190 19.49 19.69 35.04
C GLU C 190 18.46 18.61 35.28
N HIS C 191 17.32 18.97 35.90
CA HIS C 191 16.18 18.06 35.93
C HIS C 191 15.36 18.21 34.66
N LEU C 192 15.63 17.32 33.71
CA LEU C 192 14.78 17.13 32.56
C LEU C 192 14.71 15.67 32.16
N THR C 193 13.63 15.35 31.45
CA THR C 193 13.38 13.99 30.99
C THR C 193 13.49 13.94 29.47
N VAL C 194 14.17 12.94 28.96
CA VAL C 194 14.31 12.79 27.52
C VAL C 194 13.15 11.93 27.05
N ASP C 195 12.58 12.26 25.91
CA ASP C 195 11.48 11.49 25.32
C ASP C 195 11.96 10.07 24.93
N ALA C 196 11.12 9.08 25.14
CA ALA C 196 11.47 7.67 24.81
C ALA C 196 11.80 7.43 23.36
N ARG C 197 11.13 8.14 22.47
CA ARG C 197 11.45 8.01 21.05
C ARG C 197 12.78 8.67 20.71
N VAL C 198 13.02 9.84 21.26
CA VAL C 198 14.31 10.47 21.14
C VAL C 198 15.47 9.54 21.60
N TYR C 199 15.34 8.99 22.79
CA TYR C 199 16.31 8.07 23.35
C TYR C 199 16.53 6.82 22.51
N SER C 200 15.47 6.22 21.98
CA SER C 200 15.56 5.05 21.11
C SER C 200 16.25 5.39 19.87
N TYR C 201 15.92 6.57 19.33
CA TYR C 201 16.68 7.04 18.19
C TYR C 201 18.19 7.22 18.51
N ALA C 202 18.50 7.85 19.64
CA ALA C 202 19.92 8.04 19.99
C ALA C 202 20.67 6.69 20.21
N LEU C 203 20.00 5.74 20.81
CA LEU C 203 20.60 4.42 21.06
C LEU C 203 20.93 3.71 19.74
N ALA C 204 19.94 3.66 18.83
CA ALA C 204 20.21 3.08 17.51
C ALA C 204 21.35 3.80 16.77
N LEU C 205 21.47 5.12 16.91
CA LEU C 205 22.63 5.77 16.23
C LEU C 205 23.97 5.21 16.77
N LYS C 206 24.05 5.08 18.08
CA LYS C 206 25.24 4.49 18.74
C LYS C 206 25.48 3.02 18.32
N HIS C 207 24.42 2.24 18.24
CA HIS C 207 24.50 0.79 17.91
C HIS C 207 24.67 0.41 16.46
N ALA C 208 24.36 1.31 15.52
CA ALA C 208 24.63 1.04 14.13
C ALA C 208 26.15 0.93 13.90
N LYS D 15 10.93 28.41 36.65
CA LYS D 15 10.20 29.22 35.61
C LYS D 15 8.73 28.78 35.52
N GLN D 16 8.42 27.61 34.96
CA GLN D 16 7.05 27.07 35.06
C GLN D 16 6.97 26.09 36.19
N TYR D 17 5.78 25.93 36.78
CA TYR D 17 5.65 24.97 37.89
C TYR D 17 4.24 24.52 37.99
N ILE D 18 4.06 23.38 38.62
CA ILE D 18 2.72 22.80 38.94
C ILE D 18 2.16 23.55 40.17
N ILE D 19 0.94 24.05 40.05
CA ILE D 19 0.21 24.78 41.14
C ILE D 19 -0.62 23.74 41.88
N SER D 20 -1.39 22.91 41.16
CA SER D 20 -2.20 21.87 41.82
C SER D 20 -2.56 20.69 40.94
N GLU D 21 -3.02 19.62 41.58
CA GLU D 21 -3.39 18.39 40.91
C GLU D 21 -4.72 17.78 41.39
N GLU D 22 -5.80 18.02 40.65
CA GLU D 22 -7.15 17.55 41.03
C GLU D 22 -7.41 16.18 40.38
N LEU D 23 -7.69 15.18 41.19
CA LEU D 23 -8.13 13.86 40.70
C LEU D 23 -9.45 14.08 39.99
N ILE D 24 -9.62 13.45 38.84
CA ILE D 24 -10.90 13.51 38.12
C ILE D 24 -11.57 12.16 38.06
N SER D 25 -10.80 11.09 37.90
CA SER D 25 -11.37 9.73 38.00
C SER D 25 -10.19 8.73 38.08
N GLU D 26 -10.33 7.69 38.89
CA GLU D 26 -9.27 6.72 39.18
C GLU D 26 -9.79 5.27 39.09
N GLY D 27 -9.26 4.50 38.15
CA GLY D 27 -9.54 3.05 38.04
C GLY D 27 -8.50 2.24 38.79
N LYS D 28 -8.43 0.92 38.54
CA LYS D 28 -7.38 0.06 39.16
C LYS D 28 -5.95 0.30 38.64
N TRP D 29 -5.83 0.66 37.35
CA TRP D 29 -4.54 0.81 36.67
C TRP D 29 -4.16 2.23 36.21
N VAL D 30 -5.17 3.09 36.00
CA VAL D 30 -4.98 4.41 35.39
C VAL D 30 -5.89 5.43 36.07
N LYS D 31 -5.43 6.68 36.14
CA LYS D 31 -6.26 7.80 36.61
C LYS D 31 -6.07 9.04 35.77
N LEU D 32 -7.04 9.94 35.85
CA LEU D 32 -7.10 11.15 35.08
C LEU D 32 -7.10 12.31 36.05
N GLU D 33 -6.37 13.38 35.74
CA GLU D 33 -6.25 14.55 36.63
C GLU D 33 -6.29 15.84 35.88
N LYS D 34 -6.88 16.86 36.51
CA LYS D 34 -6.78 18.22 35.99
C LYS D 34 -5.57 18.84 36.66
N THR D 35 -4.65 19.31 35.83
CA THR D 35 -3.37 19.80 36.27
C THR D 35 -3.35 21.29 36.06
N THR D 36 -3.16 22.05 37.13
CA THR D 36 -3.05 23.50 37.01
C THR D 36 -1.61 23.94 37.13
N TYR D 37 -1.18 24.85 36.29
CA TYR D 37 0.22 25.28 36.33
C TYR D 37 0.34 26.70 35.90
N MET D 38 1.52 27.26 36.15
CA MET D 38 1.91 28.59 35.81
C MET D 38 2.90 28.62 34.64
N ASP D 39 2.51 29.30 33.55
CA ASP D 39 3.37 29.50 32.41
C ASP D 39 4.49 30.49 32.69
N PRO D 40 5.46 30.63 31.78
CA PRO D 40 6.55 31.54 32.15
C PRO D 40 6.13 33.02 32.21
N THR D 41 5.08 33.40 31.49
CA THR D 41 4.59 34.80 31.51
C THR D 41 4.01 35.20 32.87
N GLY D 42 3.62 34.23 33.71
CA GLY D 42 2.97 34.45 35.01
C GLY D 42 1.48 34.07 35.02
N LYS D 43 0.95 33.67 33.87
CA LYS D 43 -0.44 33.25 33.71
C LYS D 43 -0.70 31.79 34.16
N THR D 44 -1.79 31.60 34.91
CA THR D 44 -2.24 30.28 35.30
C THR D 44 -2.95 29.60 34.14
N ARG D 45 -2.65 28.32 33.88
CA ARG D 45 -3.35 27.56 32.82
C ARG D 45 -3.67 26.16 33.32
N THR D 46 -4.44 25.39 32.56
CA THR D 46 -4.70 23.99 32.96
C THR D 46 -4.40 22.93 31.85
N TRP D 47 -4.58 21.64 32.17
CA TRP D 47 -4.12 20.53 31.36
C TRP D 47 -4.74 19.28 31.90
N GLU D 48 -5.07 18.31 31.05
CA GLU D 48 -5.60 17.03 31.52
C GLU D 48 -4.50 16.00 31.32
N SER D 49 -4.15 15.30 32.39
CA SER D 49 -2.99 14.44 32.50
C SER D 49 -3.38 13.05 33.02
N VAL D 50 -2.72 12.04 32.47
CA VAL D 50 -3.03 10.68 32.74
C VAL D 50 -1.87 10.15 33.55
N LYS D 51 -2.16 9.42 34.63
CA LYS D 51 -1.13 8.76 35.42
C LYS D 51 -1.54 7.32 35.71
N ARG D 52 -0.54 6.45 35.83
CA ARG D 52 -0.73 5.09 36.33
C ARG D 52 -0.75 5.10 37.87
N THR D 53 -1.43 4.10 38.43
CA THR D 53 -1.72 4.00 39.86
C THR D 53 -0.77 3.03 40.57
N THR D 54 0.23 2.50 39.88
CA THR D 54 1.03 1.35 40.36
C THR D 54 2.53 1.69 40.37
N ALA D 60 10.82 4.63 37.68
CA ALA D 60 10.01 4.62 36.45
C ALA D 60 8.86 3.61 36.52
N ASP D 61 7.86 3.74 35.67
CA ASP D 61 6.76 2.71 35.65
C ASP D 61 7.18 1.33 35.13
N GLY D 62 7.93 1.34 34.04
CA GLY D 62 8.25 0.12 33.32
C GLY D 62 9.67 0.11 32.81
N VAL D 63 9.98 -1.01 32.16
CA VAL D 63 11.15 -1.19 31.32
C VAL D 63 10.74 -1.61 29.91
N ALA D 64 11.59 -1.26 28.96
CA ALA D 64 11.54 -1.78 27.57
C ALA D 64 12.89 -2.29 27.31
N VAL D 65 12.96 -3.45 26.68
CA VAL D 65 14.23 -4.08 26.39
C VAL D 65 14.50 -4.05 24.89
N ILE D 66 15.70 -3.63 24.54
CA ILE D 66 16.24 -3.68 23.21
C ILE D 66 17.17 -4.91 23.14
N PRO D 67 16.64 -6.06 22.67
CA PRO D 67 17.37 -7.32 22.75
C PRO D 67 18.05 -7.68 21.41
N VAL D 68 19.38 -7.62 21.42
CA VAL D 68 20.21 -7.86 20.28
C VAL D 68 20.75 -9.33 20.32
N LEU D 69 20.12 -10.23 19.59
CA LEU D 69 20.63 -11.63 19.52
C LEU D 69 21.92 -11.76 18.66
N GLN D 70 23.01 -12.19 19.30
CA GLN D 70 24.35 -12.27 18.71
C GLN D 70 24.89 -13.74 18.60
N ARG D 71 25.22 -14.19 17.38
CA ARG D 71 25.94 -15.47 17.13
C ARG D 71 27.18 -15.14 16.31
N THR D 72 28.36 -15.68 16.67
CA THR D 72 29.54 -15.48 15.82
C THR D 72 29.26 -15.98 14.38
N LEU D 73 29.86 -15.32 13.39
CA LEU D 73 29.63 -15.65 11.97
C LEU D 73 28.18 -15.43 11.46
N HIS D 74 27.39 -14.61 12.13
CA HIS D 74 26.04 -14.33 11.66
C HIS D 74 25.76 -12.83 11.91
N TYR D 75 24.72 -12.34 11.26
CA TYR D 75 24.23 -10.97 11.45
C TYR D 75 23.54 -10.92 12.82
N GLU D 76 23.44 -9.72 13.40
CA GLU D 76 22.66 -9.52 14.61
C GLU D 76 21.18 -9.42 14.32
N CYS D 77 20.35 -9.83 15.25
CA CYS D 77 18.91 -9.78 15.15
C CYS D 77 18.32 -9.04 16.34
N ILE D 78 17.17 -8.41 16.14
CA ILE D 78 16.55 -7.59 17.17
C ILE D 78 15.32 -8.36 17.48
N VAL D 79 15.20 -8.73 18.74
CA VAL D 79 14.10 -9.61 19.12
C VAL D 79 12.93 -8.71 19.56
N LEU D 80 11.79 -8.85 18.93
CA LEU D 80 10.60 -8.05 19.21
C LEU D 80 9.55 -8.99 19.66
N VAL D 81 8.42 -8.45 20.14
CA VAL D 81 7.27 -9.27 20.43
C VAL D 81 6.02 -8.69 19.85
N LYS D 82 5.06 -9.56 19.45
CA LYS D 82 3.70 -9.11 19.06
C LYS D 82 2.71 -9.69 20.04
N GLN D 83 1.71 -8.87 20.33
CA GLN D 83 0.62 -9.20 21.22
C GLN D 83 -0.52 -8.26 20.92
N PHE D 84 -1.68 -8.62 21.40
CA PHE D 84 -2.90 -7.84 21.28
C PHE D 84 -2.89 -6.76 22.35
N ARG D 85 -3.17 -5.51 21.98
CA ARG D 85 -3.22 -4.41 22.92
C ARG D 85 -4.62 -3.84 22.94
N PRO D 86 -5.39 -4.10 24.03
CA PRO D 86 -6.75 -3.61 24.20
C PRO D 86 -6.96 -2.15 23.94
N PRO D 87 -6.05 -1.28 24.41
CA PRO D 87 -6.24 0.10 24.08
C PRO D 87 -6.18 0.41 22.55
N MET D 88 -5.34 -0.32 21.82
CA MET D 88 -5.15 -0.11 20.37
C MET D 88 -6.22 -0.89 19.55
N GLY D 89 -6.96 -1.80 20.16
CA GLY D 89 -7.86 -2.63 19.39
C GLY D 89 -7.18 -3.61 18.44
N GLY D 90 -5.92 -3.94 18.66
CA GLY D 90 -5.26 -4.77 17.70
C GLY D 90 -3.92 -5.18 18.11
N TYR D 91 -3.23 -5.85 17.21
CA TYR D 91 -1.95 -6.41 17.52
C TYR D 91 -0.89 -5.29 17.27
N CYS D 92 0.15 -5.25 18.13
CA CYS D 92 1.24 -4.31 18.05
C CYS D 92 2.55 -5.06 18.12
N ILE D 93 3.54 -4.58 17.37
CA ILE D 93 4.88 -5.10 17.46
C ILE D 93 5.67 -4.12 18.34
N GLU D 94 6.25 -4.63 19.45
CA GLU D 94 6.94 -3.80 20.41
C GLU D 94 8.22 -4.42 20.85
N PHE D 95 9.06 -3.62 21.50
CA PHE D 95 10.17 -4.17 22.22
C PHE D 95 9.54 -4.95 23.37
N PRO D 96 10.18 -6.04 23.80
CA PRO D 96 9.64 -6.68 25.04
C PRO D 96 9.70 -5.73 26.23
N ALA D 97 8.66 -5.78 27.03
CA ALA D 97 8.45 -4.76 28.05
C ALA D 97 7.52 -5.26 29.12
N GLY D 98 7.74 -4.71 30.32
CA GLY D 98 6.81 -4.84 31.43
C GLY D 98 7.00 -3.87 32.59
N LEU D 99 5.98 -3.81 33.47
CA LEU D 99 6.09 -2.94 34.66
C LEU D 99 7.16 -3.50 35.58
N ILE D 100 7.81 -2.57 36.28
CA ILE D 100 8.87 -2.93 37.22
C ILE D 100 8.12 -3.31 38.49
N ASP D 101 8.55 -4.43 39.10
CA ASP D 101 7.92 -4.97 40.33
C ASP D 101 8.42 -4.13 41.49
N ASP D 102 7.61 -3.97 42.54
CA ASP D 102 8.06 -3.22 43.75
C ASP D 102 9.39 -3.79 44.30
N GLY D 103 10.38 -2.91 44.46
CA GLY D 103 11.71 -3.29 44.98
C GLY D 103 12.53 -4.26 44.13
N GLU D 104 12.39 -4.13 42.81
CA GLU D 104 13.22 -4.81 41.80
C GLU D 104 13.92 -3.70 40.99
N THR D 105 15.15 -3.93 40.59
CA THR D 105 15.89 -2.90 39.88
C THR D 105 15.45 -2.91 38.38
N PRO D 106 15.57 -1.77 37.68
CA PRO D 106 15.38 -1.75 36.20
C PRO D 106 16.15 -2.89 35.46
N GLU D 107 17.43 -3.06 35.75
CA GLU D 107 18.24 -4.08 35.05
C GLU D 107 17.59 -5.44 35.25
N ALA D 108 17.14 -5.74 36.49
CA ALA D 108 16.68 -7.09 36.81
C ALA D 108 15.31 -7.29 36.18
N ALA D 109 14.48 -6.24 36.20
CA ALA D 109 13.18 -6.35 35.53
C ALA D 109 13.35 -6.62 34.02
N ALA D 110 14.39 -6.05 33.42
CA ALA D 110 14.60 -6.19 31.98
C ALA D 110 14.87 -7.65 31.64
N LEU D 111 15.87 -8.21 32.34
CA LEU D 111 16.22 -9.65 32.15
C LEU D 111 15.02 -10.56 32.46
N ARG D 112 14.31 -10.22 33.52
CA ARG D 112 13.12 -11.00 33.82
C ARG D 112 12.10 -10.95 32.72
N GLU D 113 11.69 -9.77 32.34
CA GLU D 113 10.62 -9.68 31.32
C GLU D 113 11.12 -10.15 29.93
N LEU D 114 12.39 -10.00 29.62
CA LEU D 114 12.94 -10.55 28.35
C LEU D 114 12.86 -12.07 28.34
N GLU D 115 13.32 -12.70 29.43
CA GLU D 115 13.10 -14.15 29.63
C GLU D 115 11.61 -14.54 29.65
N GLU D 116 10.74 -13.80 30.32
CA GLU D 116 9.33 -14.19 30.32
C GLU D 116 8.72 -14.13 28.93
N GLU D 117 8.96 -13.03 28.22
CA GLU D 117 8.29 -12.81 26.97
C GLU D 117 8.98 -13.48 25.79
N THR D 118 10.27 -13.76 25.89
CA THR D 118 11.00 -14.38 24.78
C THR D 118 11.65 -15.75 25.09
N GLY D 119 11.87 -16.08 26.35
CA GLY D 119 12.72 -17.22 26.71
C GLY D 119 14.22 -16.92 26.73
N TYR D 120 14.68 -15.76 26.27
CA TYR D 120 16.13 -15.56 26.22
C TYR D 120 16.75 -15.08 27.56
N LYS D 121 18.04 -15.33 27.72
CA LYS D 121 18.81 -15.11 28.91
C LYS D 121 19.83 -14.12 28.46
N GLY D 122 19.64 -12.87 28.86
CA GLY D 122 20.41 -11.77 28.34
C GLY D 122 21.48 -11.31 29.24
N ASP D 123 22.35 -10.47 28.70
CA ASP D 123 23.33 -9.75 29.47
C ASP D 123 23.11 -8.23 29.32
N ILE D 124 23.11 -7.51 30.45
CA ILE D 124 22.91 -6.08 30.45
C ILE D 124 24.08 -5.43 29.75
N ALA D 125 23.80 -4.63 28.71
CA ALA D 125 24.80 -3.80 28.03
C ALA D 125 24.71 -2.34 28.53
N GLU D 126 23.51 -1.79 28.66
CA GLU D 126 23.36 -0.38 29.17
C GLU D 126 21.92 -0.14 29.57
N CYS D 127 21.67 0.92 30.33
CA CYS D 127 20.34 1.17 30.87
C CYS D 127 20.11 2.67 30.89
N SER D 128 19.00 3.10 30.31
CA SER D 128 18.69 4.54 30.25
C SER D 128 18.24 5.07 31.60
N PRO D 129 18.43 6.40 31.82
CA PRO D 129 17.55 6.99 32.84
C PRO D 129 16.07 6.88 32.47
N ALA D 130 15.18 7.32 33.36
CA ALA D 130 13.75 7.21 33.10
C ALA D 130 13.42 8.17 31.97
N VAL D 131 12.67 7.64 31.00
CA VAL D 131 12.33 8.42 29.77
C VAL D 131 10.84 8.44 29.64
N CYS D 132 10.29 9.53 29.11
CA CYS D 132 8.85 9.70 29.06
C CYS D 132 8.19 9.06 27.83
N MET D 133 7.06 8.44 28.07
CA MET D 133 6.32 7.74 27.03
C MET D 133 5.49 8.63 26.13
N ASP D 134 4.82 9.62 26.70
CA ASP D 134 4.01 10.52 25.93
C ASP D 134 3.77 11.77 26.78
N PRO D 135 4.77 12.64 26.90
CA PRO D 135 4.72 13.58 28.02
C PRO D 135 3.67 14.65 27.85
N GLY D 136 3.17 14.86 26.62
CA GLY D 136 1.98 15.73 26.43
C GLY D 136 0.67 15.16 27.02
N LEU D 137 0.68 13.89 27.43
CA LEU D 137 -0.56 13.18 27.88
C LEU D 137 -0.43 12.53 29.25
N SER D 138 0.70 11.89 29.54
CA SER D 138 0.85 11.04 30.68
C SER D 138 2.17 11.34 31.37
N ASN D 139 2.33 10.81 32.56
CA ASN D 139 3.54 11.02 33.34
C ASN D 139 4.34 9.74 33.17
N CYS D 140 3.85 8.80 32.35
CA CYS D 140 4.40 7.46 32.37
C CYS D 140 5.83 7.49 31.88
N THR D 141 6.68 6.68 32.52
CA THR D 141 8.07 6.59 32.11
C THR D 141 8.57 5.14 32.09
N ILE D 142 9.70 4.96 31.41
CA ILE D 142 10.39 3.68 31.37
C ILE D 142 11.92 3.84 31.44
N HIS D 143 12.61 2.77 31.78
CA HIS D 143 14.01 2.63 31.43
C HIS D 143 14.04 1.77 30.18
N ILE D 144 14.80 2.24 29.18
CA ILE D 144 15.14 1.45 28.04
C ILE D 144 16.44 0.72 28.34
N VAL D 145 16.39 -0.62 28.36
CA VAL D 145 17.53 -1.41 28.70
C VAL D 145 17.98 -2.16 27.46
N THR D 146 19.25 -1.96 27.10
CA THR D 146 19.87 -2.63 25.94
C THR D 146 20.47 -3.93 26.48
N VAL D 147 20.03 -5.06 25.91
CA VAL D 147 20.36 -6.42 26.36
C VAL D 147 20.91 -7.24 25.17
N THR D 148 22.14 -7.74 25.32
CA THR D 148 22.76 -8.62 24.34
C THR D 148 22.48 -10.06 24.77
N ILE D 149 22.12 -10.88 23.81
CA ILE D 149 21.80 -12.28 24.03
C ILE D 149 22.93 -13.09 23.37
N ASN D 150 23.54 -14.04 24.08
CA ASN D 150 24.67 -14.79 23.53
C ASN D 150 24.09 -16.02 22.94
N GLY D 151 23.68 -15.94 21.66
CA GLY D 151 22.99 -17.05 20.95
C GLY D 151 23.87 -18.29 20.67
N ASP D 152 25.19 -18.21 20.88
CA ASP D 152 26.09 -19.39 20.95
C ASP D 152 26.17 -20.12 22.34
N ASP D 153 25.26 -19.80 23.26
CA ASP D 153 25.15 -20.51 24.53
C ASP D 153 23.94 -21.39 24.39
N ALA D 154 24.10 -22.61 24.89
CA ALA D 154 23.05 -23.63 24.92
C ALA D 154 21.69 -23.15 25.54
N GLU D 155 21.75 -22.31 26.58
CA GLU D 155 20.54 -21.78 27.21
C GLU D 155 19.70 -20.92 26.24
N ASN D 156 20.36 -20.42 25.19
CA ASN D 156 19.68 -19.63 24.16
C ASN D 156 19.49 -20.36 22.84
N ALA D 157 19.75 -21.68 22.84
CA ALA D 157 19.64 -22.47 21.62
C ALA D 157 18.25 -22.31 21.00
N ARG D 158 17.22 -22.74 21.72
CA ARG D 158 15.82 -22.69 21.23
C ARG D 158 14.86 -22.52 22.42
N PRO D 159 15.06 -21.45 23.22
CA PRO D 159 14.23 -21.24 24.42
C PRO D 159 12.81 -20.78 24.04
N LYS D 160 11.85 -21.03 24.94
CA LYS D 160 10.42 -20.68 24.74
C LYS D 160 9.92 -19.75 25.86
N PRO D 161 8.88 -18.93 25.58
CA PRO D 161 8.39 -17.98 26.59
C PRO D 161 7.84 -18.67 27.86
N LYS D 162 8.03 -18.06 29.03
CA LYS D 162 7.25 -18.36 30.25
C LYS D 162 6.31 -17.17 30.57
N PRO D 163 5.13 -17.13 29.93
CA PRO D 163 4.19 -16.04 30.21
C PRO D 163 3.39 -16.19 31.51
N GLY D 164 3.03 -15.05 32.11
CA GLY D 164 2.05 -15.01 33.21
C GLY D 164 0.64 -15.37 32.74
N ASP D 165 -0.34 -15.22 33.63
CA ASP D 165 -1.73 -15.52 33.29
C ASP D 165 -2.19 -14.32 32.51
N GLY D 166 -3.00 -14.54 31.49
CA GLY D 166 -3.43 -13.44 30.61
C GLY D 166 -2.37 -12.69 29.82
N GLU D 167 -1.14 -13.23 29.74
CA GLU D 167 -0.04 -12.70 28.91
C GLU D 167 0.10 -13.67 27.73
N PHE D 168 -0.16 -13.18 26.50
CA PHE D 168 -0.09 -13.97 25.23
C PHE D 168 0.72 -13.22 24.19
N VAL D 169 1.96 -13.68 23.97
CA VAL D 169 2.98 -12.92 23.25
C VAL D 169 3.75 -13.80 22.26
N GLU D 170 3.84 -13.37 20.98
CA GLU D 170 4.63 -14.05 19.92
C GLU D 170 5.96 -13.32 19.73
N VAL D 171 7.03 -14.09 19.66
CA VAL D 171 8.34 -13.58 19.39
C VAL D 171 8.49 -13.36 17.88
N ILE D 172 9.10 -12.23 17.53
CA ILE D 172 9.39 -11.87 16.13
C ILE D 172 10.81 -11.37 16.11
N SER D 173 11.72 -12.20 15.63
CA SER D 173 13.12 -11.87 15.56
C SER D 173 13.44 -11.31 14.15
N LEU D 174 13.80 -10.03 14.03
CA LEU D 174 14.15 -9.46 12.69
C LEU D 174 15.61 -9.08 12.61
N PRO D 175 16.20 -9.16 11.38
CA PRO D 175 17.59 -8.75 11.26
C PRO D 175 17.68 -7.27 11.52
N LYS D 176 18.59 -6.91 12.37
CA LYS D 176 18.96 -5.55 12.65
C LYS D 176 19.24 -4.74 11.36
N ASN D 177 20.00 -5.37 10.44
CA ASN D 177 20.45 -4.78 9.19
C ASN D 177 19.36 -4.37 8.18
N ASP D 178 18.14 -4.86 8.36
CA ASP D 178 17.05 -4.50 7.47
C ASP D 178 15.79 -4.21 8.25
N LEU D 179 15.92 -3.80 9.50
CA LEU D 179 14.79 -3.66 10.40
C LEU D 179 13.65 -2.79 9.88
N LEU D 180 14.01 -1.61 9.39
CA LEU D 180 13.04 -0.64 9.00
C LEU D 180 12.19 -1.21 7.87
N GLN D 181 12.82 -1.85 6.87
CA GLN D 181 12.09 -2.40 5.71
C GLN D 181 11.22 -3.58 6.11
N ARG D 182 11.74 -4.40 7.04
CA ARG D 182 10.96 -5.52 7.57
C ARG D 182 9.76 -5.05 8.31
N LEU D 183 9.91 -4.01 9.10
CA LEU D 183 8.78 -3.40 9.73
C LEU D 183 7.79 -2.83 8.75
N ASP D 184 8.23 -2.01 7.80
CA ASP D 184 7.27 -1.46 6.81
C ASP D 184 6.48 -2.57 6.06
N ALA D 185 7.14 -3.69 5.78
CA ALA D 185 6.60 -4.79 5.02
C ALA D 185 5.54 -5.52 5.84
N LEU D 186 5.88 -5.86 7.09
CA LEU D 186 4.86 -6.30 8.02
C LEU D 186 3.65 -5.40 8.06
N VAL D 187 3.88 -4.11 8.12
CA VAL D 187 2.77 -3.16 8.20
C VAL D 187 1.95 -3.06 6.91
N ALA D 188 2.58 -3.33 5.76
CA ALA D 188 1.83 -3.25 4.50
C ALA D 188 0.94 -4.49 4.32
N GLU D 189 1.34 -5.59 4.93
CA GLU D 189 0.70 -6.89 4.71
C GLU D 189 -0.21 -7.31 5.86
N GLU D 190 0.07 -6.89 7.10
CA GLU D 190 -0.71 -7.37 8.27
C GLU D 190 -1.42 -6.32 9.09
N HIS D 191 -2.48 -6.76 9.73
CA HIS D 191 -3.35 -5.94 10.55
C HIS D 191 -2.49 -5.82 11.84
N LEU D 192 -1.62 -4.82 11.86
CA LEU D 192 -0.88 -4.56 13.09
C LEU D 192 -0.34 -3.17 13.10
N THR D 193 0.18 -2.78 14.26
CA THR D 193 0.77 -1.46 14.47
C THR D 193 2.20 -1.61 15.07
N VAL D 194 3.14 -0.84 14.56
CA VAL D 194 4.51 -0.95 15.02
C VAL D 194 4.58 0.16 16.03
N ASP D 195 5.32 -0.11 17.10
CA ASP D 195 5.49 0.85 18.17
C ASP D 195 6.45 1.93 17.78
N ALA D 196 6.20 3.13 18.26
CA ALA D 196 6.99 4.27 17.90
C ALA D 196 8.43 4.20 18.32
N ARG D 197 8.72 3.63 19.47
N ARG D 197 8.70 3.62 19.48
CA ARG D 197 10.10 3.48 19.91
CA ARG D 197 10.08 3.42 19.96
C ARG D 197 10.87 2.47 19.05
C ARG D 197 10.83 2.51 19.01
N VAL D 198 10.19 1.40 18.60
CA VAL D 198 10.80 0.42 17.69
C VAL D 198 11.08 1.10 16.31
N TYR D 199 10.14 1.89 15.83
CA TYR D 199 10.26 2.52 14.54
C TYR D 199 11.34 3.60 14.59
N SER D 200 11.42 4.32 15.69
CA SER D 200 12.44 5.36 15.87
C SER D 200 13.76 4.69 15.90
N TYR D 201 13.86 3.55 16.60
CA TYR D 201 15.11 2.74 16.58
C TYR D 201 15.53 2.31 15.16
N ALA D 202 14.60 1.70 14.45
CA ALA D 202 14.78 1.28 13.06
C ALA D 202 15.19 2.44 12.08
N LEU D 203 14.56 3.62 12.21
CA LEU D 203 14.97 4.78 11.47
C LEU D 203 16.39 5.17 11.68
N ALA D 204 16.78 5.26 12.94
CA ALA D 204 18.14 5.68 13.27
C ALA D 204 19.21 4.72 12.79
N LEU D 205 18.86 3.42 12.64
CA LEU D 205 19.83 2.45 12.07
C LEU D 205 20.13 2.81 10.63
N LYS D 206 19.15 3.36 9.93
CA LYS D 206 19.39 3.86 8.61
C LYS D 206 20.02 5.25 8.59
N HIS D 207 19.64 6.12 9.52
CA HIS D 207 20.13 7.50 9.52
C HIS D 207 21.57 7.64 9.97
N ALA D 208 22.01 6.71 10.81
CA ALA D 208 23.39 6.70 11.30
C ALA D 208 24.42 6.78 10.17
N ASN D 209 25.53 7.44 10.44
CA ASN D 209 26.63 7.59 9.49
C ASN D 209 26.21 8.33 8.22
MG MG E . -1.50 -19.02 -18.42
MG MG F . -1.67 -22.23 -17.73
CL CL G . -10.95 9.95 -11.35
N1 K41 H . -8.20 -2.74 -40.44
N3 K41 H . -7.12 -3.77 -38.86
C4 K41 H . -7.72 -1.80 -39.45
C5 K41 H . -6.57 -4.83 -38.03
N K41 H . -7.88 -0.42 -39.50
C K41 H . -9.21 2.33 -38.61
O K41 H . -6.85 0.16 -37.51
C1 K41 H . -7.73 2.05 -38.86
C2 K41 H . -6.79 2.97 -38.02
C3 K41 H . -7.42 0.53 -38.52
N2 K41 H . -7.81 -3.92 -40.05
N4 K41 H . -7.04 -2.47 -38.46
C1 EDO I . -16.48 19.74 -11.84
O1 EDO I . -15.71 19.49 -13.05
C2 EDO I . -17.81 20.39 -12.24
O2 EDO I . -18.59 19.51 -13.11
MG MG J . -11.38 3.89 -31.69
MG MG K . -11.23 8.15 -33.74
N1 K41 L . 1.64 -20.91 -29.20
N3 K41 L . 0.30 -19.24 -29.32
C4 K41 L . 0.67 -20.97 -28.17
C5 K41 L . -0.37 -18.04 -29.81
N K41 L . 0.56 -21.97 -27.21
C K41 L . -1.77 -23.48 -24.59
O K41 L . -1.25 -21.11 -26.08
C1 K41 L . -0.37 -23.22 -25.21
C2 K41 L . 0.70 -22.98 -24.12
C3 K41 L . -0.43 -22.00 -26.18
N2 K41 L . 1.38 -19.85 -29.86
N4 K41 L . -0.18 -19.89 -28.25
C1 EDO M . -3.76 -2.46 -29.89
O1 EDO M . -4.16 -3.61 -30.66
C2 EDO M . -4.92 -1.48 -29.78
O2 EDO M . -5.83 -1.96 -28.77
C1 EDO N . 16.14 25.47 1.49
O1 EDO N . 15.62 25.69 2.83
C2 EDO N . 15.71 24.12 0.91
O2 EDO N . 14.56 24.28 0.05
MG MG O . 2.52 21.39 19.43
MG MG P . 4.27 20.51 20.15
N1 K41 Q . -4.58 19.60 27.36
N3 K41 Q . -4.18 17.54 26.96
C4 K41 Q . -4.07 19.43 26.03
C5 K41 Q . -4.00 16.10 27.18
N K41 Q . -3.87 20.43 25.11
C K41 Q . -2.16 22.54 23.57
O K41 Q . -2.93 19.22 23.32
C1 K41 Q . -3.28 21.65 23.00
C2 K41 Q . -3.11 21.37 21.46
C3 K41 Q . -3.33 20.30 23.79
N2 K41 Q . -4.63 18.43 27.87
N4 K41 Q . -3.82 18.10 25.80
MG MG R . 4.67 -7.22 28.35
MG MG S . 4.59 -7.38 30.55
N1 K41 T . -4.88 -3.16 32.73
N3 K41 T . -3.92 -1.30 32.25
C4 K41 T . -3.45 -3.28 32.91
C5 K41 T . -3.74 0.10 31.84
N K41 T . -2.79 -4.42 33.37
C K41 T . 0.45 -5.78 34.76
O K41 T . -0.62 -3.65 33.23
C1 K41 T . -0.95 -5.90 34.09
C2 K41 T . -0.97 -6.87 32.89
C3 K41 T . -1.39 -4.54 33.54
N2 K41 T . -5.11 -1.96 32.33
N4 K41 T . -2.84 -2.09 32.59
#